data_9QF8
#
_entry.id   9QF8
#
_cell.length_a   1.00
_cell.length_b   1.00
_cell.length_c   1.00
_cell.angle_alpha   90.00
_cell.angle_beta   90.00
_cell.angle_gamma   90.00
#
_symmetry.space_group_name_H-M   'P 1'
#
_entity_poly.entity_id   1
_entity_poly.type   'polypeptide(L)'
_entity_poly.pdbx_seq_one_letter_code
;MAHHHHHHAVTSDESVSAGNYYNANYLESYASKAYNESGLGSVYSKTSTTWKTWSPDASSVKLKLYTTGSDNEAGASAIG
TYDMKKDSSTGVWSLNLSGDYKNKYYTYLVTVNGTTKETQDVYSQAVGVNGNRTMVVDLDSTDPSGWSDDKHVLFNSASE
AAVWEVHVRDFSVSKNSGVSEDNKGKYLAFAEGGTTLNSDTSSSAVSTGIDYLVEQGINCVQLMPVYDYGSVKEDVASSS
SNRNWGYDPVNYNAPEGSYSTNPYDGNTRITEFKQMIQALHDRGISVVMDVVYNHTFSNDSCFNRTVPGYYYRMHSSSAY
SNGSGCGNETASDKLMYRKYMIESVKYWAEEYHIDGFRFDLMGIHDITTMNDIRSALDGLYSDGSGKKILMYGEPWTGGS
VAISDGCSQSKAGSLNPRVGMFCDSYRDAIKGSTDGSDKGFVQGNTDKAGTVANGVTGKGFSAQAPSQTIAYADAHDNLI
LWDKIVKSNGSSSWNSTSSSLRGQVKKVMGLLLTSQGIPFMTAGSEFCRTKQGDTNSYKSSDAINEIDWSRVKTYSDVAA
YYKGLLEIRENYSPMKSSTFNTPSFQSTHGDVVAYTYSNNKSNEWGKVCVLVNASSTNDWPITLDGSGWTVVADGTTAGL
KSLGTVSGNTYTVPANSACVLVQSSTFNNLKVSEKTFGTVTIKHIDDSGNVLKTSTAKYADGTTYRTYPDTTILYDYALK
DTQGVTSGTVTGGKNYNVTYVYSSSGIRSGYVTVNYVDENGESIKDTVSTKYREGDSYSVPFTSIQGYQLDTDKYPANTT
GTFNGTNTTINFVYKALDSTSSVVHYYNSNNWSNVRCYAYTDGGEEPNGKWNNATVMTSEGNGWLKCTIPASSSYVMFHT
DSQQEPGANETGYLVSGEAWIQNKKLSFSSKVITSHIDAATGEKIADDEILIQSKVSSDDTYKTSPLSGRTDVIAPVNAS
GNLSSGIINVVYLYTSSERPSTAPSTVTPTTAPVTQPTEKILIGDVNLNGAIDIVDTTAVQKYIVKLITLSDKALIAAAR
CDADGENDIVSVKDATYIQMYVAKLDGHGNVGTYYESEVTPTTAPVTEPATEEPTVAPTTVPVTTAPVTEPTTTPSSTYT
VKFTDSLNWDGTLYCYSWAEDGTSTKSWPGVAMTYLNTNDYGQKVYSVEVPNTVDYIIFTNGSSQTIDIGFDGTSLNYYT
ESQYDSKGHAYVGSW
;
_entity_poly.pdbx_strand_id   A
#
# COMPACT_ATOMS: atom_id res chain seq x y z
N ASN A 25 16.58 -14.03 -26.03
CA ASN A 25 17.36 -12.76 -26.11
C ASN A 25 17.07 -12.05 -27.42
N TYR A 26 15.83 -11.61 -27.57
CA TYR A 26 15.30 -11.36 -28.90
C TYR A 26 16.05 -10.23 -29.60
N LEU A 27 16.17 -9.08 -28.95
CA LEU A 27 16.64 -7.85 -29.59
C LEU A 27 17.49 -7.02 -28.63
N GLU A 28 18.63 -7.54 -28.20
CA GLU A 28 19.55 -6.73 -27.41
C GLU A 28 20.37 -5.81 -28.30
N SER A 29 20.56 -6.17 -29.56
CA SER A 29 20.77 -5.15 -30.57
C SER A 29 19.48 -4.36 -30.75
N TYR A 30 19.62 -3.04 -30.89
CA TYR A 30 18.51 -2.09 -30.80
C TYR A 30 17.96 -1.97 -29.40
N ALA A 31 18.64 -2.51 -28.40
CA ALA A 31 18.25 -2.24 -27.02
C ALA A 31 19.42 -1.98 -26.08
N SER A 32 20.65 -2.25 -26.50
CA SER A 32 21.79 -1.60 -25.86
C SER A 32 21.85 -0.15 -26.28
N LYS A 33 21.98 0.09 -27.58
CA LYS A 33 21.52 1.33 -28.18
C LYS A 33 20.01 1.43 -28.03
N ALA A 34 19.52 2.66 -27.93
CA ALA A 34 18.16 3.03 -27.59
C ALA A 34 17.90 2.95 -26.08
N TYR A 35 18.78 2.33 -25.29
CA TYR A 35 18.55 2.25 -23.86
C TYR A 35 18.50 3.61 -23.20
N ASN A 36 19.30 4.56 -23.69
CA ASN A 36 19.35 5.90 -23.13
C ASN A 36 18.39 6.87 -23.79
N GLU A 37 17.44 6.39 -24.59
CA GLU A 37 16.46 7.31 -25.13
C GLU A 37 15.59 7.88 -24.02
N SER A 38 14.98 9.02 -24.31
CA SER A 38 14.24 9.80 -23.34
C SER A 38 13.02 10.41 -24.00
N GLY A 39 12.00 10.66 -23.20
CA GLY A 39 10.71 11.03 -23.76
C GLY A 39 9.98 9.88 -24.39
N LEU A 40 10.22 8.66 -23.92
CA LEU A 40 9.32 7.57 -24.26
C LEU A 40 7.94 7.88 -23.72
N GLY A 41 6.93 7.38 -24.40
CA GLY A 41 5.59 7.87 -24.15
C GLY A 41 5.39 9.22 -24.77
N SER A 42 4.73 10.13 -24.06
CA SER A 42 4.46 11.46 -24.55
C SER A 42 4.90 12.49 -23.52
N VAL A 43 5.32 13.65 -24.01
CA VAL A 43 5.79 14.75 -23.18
C VAL A 43 4.98 15.98 -23.53
N TYR A 44 4.59 16.73 -22.51
CA TYR A 44 3.67 17.85 -22.68
C TYR A 44 4.39 19.18 -22.57
N SER A 45 4.04 20.07 -23.49
CA SER A 45 4.33 21.49 -23.35
C SER A 45 3.22 22.25 -24.04
N LYS A 46 3.03 23.51 -23.63
CA LYS A 46 1.86 24.24 -24.11
C LYS A 46 1.90 24.42 -25.62
N THR A 47 3.09 24.47 -26.22
CA THR A 47 3.19 24.69 -27.65
C THR A 47 3.03 23.39 -28.45
N SER A 48 3.49 22.27 -27.91
CA SER A 48 3.75 21.10 -28.73
C SER A 48 4.04 19.93 -27.83
N THR A 49 3.94 18.73 -28.40
CA THR A 49 4.15 17.50 -27.65
C THR A 49 4.90 16.50 -28.52
N THR A 50 5.71 15.67 -27.87
CA THR A 50 6.56 14.70 -28.53
C THR A 50 6.24 13.30 -28.03
N TRP A 51 6.08 12.36 -28.95
CA TRP A 51 5.90 10.96 -28.64
C TRP A 51 7.13 10.17 -29.07
N LYS A 52 7.56 9.23 -28.24
CA LYS A 52 8.60 8.29 -28.62
C LYS A 52 8.25 6.90 -28.12
N THR A 53 8.47 5.90 -28.98
CA THR A 53 8.18 4.51 -28.66
C THR A 53 9.13 3.63 -29.44
N TRP A 54 9.41 2.46 -28.88
CA TRP A 54 10.49 1.60 -29.36
C TRP A 54 9.93 0.27 -29.86
N SER A 55 10.17 -0.01 -31.13
CA SER A 55 9.78 -1.28 -31.74
C SER A 55 10.64 -1.58 -32.95
N PRO A 56 11.85 -2.11 -32.76
CA PRO A 56 12.74 -2.31 -33.92
C PRO A 56 12.16 -3.27 -34.93
N ASP A 57 11.33 -4.20 -34.47
CA ASP A 57 10.79 -5.20 -35.38
C ASP A 57 9.59 -4.68 -36.15
N ALA A 58 8.99 -3.59 -35.71
CA ALA A 58 7.85 -3.05 -36.40
C ALA A 58 8.27 -2.53 -37.77
N SER A 59 7.37 -2.66 -38.74
CA SER A 59 7.53 -1.94 -39.99
C SER A 59 6.99 -0.53 -39.91
N SER A 60 6.13 -0.25 -38.94
CA SER A 60 5.49 1.05 -38.81
C SER A 60 4.91 1.13 -37.40
N VAL A 61 5.04 2.28 -36.77
CA VAL A 61 4.24 2.62 -35.60
C VAL A 61 3.51 3.93 -35.91
N LYS A 62 2.18 3.89 -35.79
CA LYS A 62 1.32 5.00 -36.16
C LYS A 62 0.66 5.54 -34.91
N LEU A 63 0.79 6.84 -34.68
CA LEU A 63 0.06 7.49 -33.60
C LEU A 63 -1.36 7.78 -34.03
N LYS A 64 -2.31 7.55 -33.11
CA LYS A 64 -3.71 7.85 -33.33
C LYS A 64 -4.27 8.51 -32.08
N LEU A 65 -5.06 9.57 -32.27
CA LEU A 65 -5.59 10.35 -31.16
C LEU A 65 -7.10 10.26 -31.01
N TYR A 66 -7.55 10.43 -29.77
CA TYR A 66 -8.95 10.35 -29.36
C TYR A 66 -9.21 11.47 -28.38
N THR A 67 -10.49 11.75 -28.12
CA THR A 67 -10.88 12.81 -27.21
C THR A 67 -11.49 12.31 -25.90
N THR A 68 -11.48 11.01 -25.64
CA THR A 68 -12.13 10.50 -24.44
C THR A 68 -11.42 9.23 -23.97
N GLY A 69 -11.66 8.90 -22.70
CA GLY A 69 -11.21 7.63 -22.17
C GLY A 69 -11.90 6.41 -22.73
N SER A 70 -13.05 6.59 -23.36
CA SER A 70 -13.74 5.49 -24.02
C SER A 70 -14.76 6.09 -24.98
N ASP A 71 -15.47 5.22 -25.69
CA ASP A 71 -16.58 5.64 -26.52
C ASP A 71 -17.86 5.88 -25.75
N ASN A 72 -17.87 5.63 -24.43
CA ASN A 72 -19.04 5.90 -23.63
C ASN A 72 -19.37 7.39 -23.62
N GLU A 73 -18.42 8.21 -23.18
CA GLU A 73 -18.66 9.63 -23.00
C GLU A 73 -19.02 10.31 -24.31
N ALA A 74 -19.47 11.55 -24.18
CA ALA A 74 -19.88 12.35 -25.34
C ALA A 74 -18.73 12.61 -26.30
N GLY A 75 -19.05 12.54 -27.59
CA GLY A 75 -18.12 12.78 -28.68
C GLY A 75 -17.13 11.66 -28.89
N ALA A 76 -16.15 11.53 -28.00
CA ALA A 76 -15.20 10.42 -28.01
C ALA A 76 -14.48 10.27 -29.35
N SER A 77 -14.62 11.22 -30.25
CA SER A 77 -14.05 11.09 -31.58
C SER A 77 -12.55 10.82 -31.52
N ALA A 78 -12.08 10.04 -32.48
CA ALA A 78 -10.68 10.10 -32.87
C ALA A 78 -10.38 11.47 -33.47
N ILE A 79 -9.11 11.84 -33.45
CA ILE A 79 -8.67 13.14 -33.92
C ILE A 79 -7.85 13.03 -35.20
N GLY A 80 -7.04 11.99 -35.32
CA GLY A 80 -6.23 11.79 -36.50
C GLY A 80 -5.15 10.78 -36.25
N THR A 81 -4.47 10.41 -37.33
CA THR A 81 -3.38 9.44 -37.27
C THR A 81 -2.12 10.03 -37.88
N TYR A 82 -0.98 9.60 -37.35
CA TYR A 82 0.30 10.16 -37.73
C TYR A 82 1.35 9.07 -37.64
N ASP A 83 2.05 8.82 -38.75
CA ASP A 83 3.13 7.86 -38.75
C ASP A 83 4.33 8.40 -37.99
N MET A 84 4.78 7.63 -37.00
CA MET A 84 6.05 7.92 -36.36
C MET A 84 7.20 7.53 -37.29
N LYS A 85 8.38 8.06 -36.98
CA LYS A 85 9.59 7.83 -37.78
C LYS A 85 10.61 7.03 -36.98
N LYS A 86 11.06 5.92 -37.55
CA LYS A 86 12.02 5.07 -36.87
C LYS A 86 13.41 5.69 -36.90
N ASP A 87 14.14 5.54 -35.80
CA ASP A 87 15.57 5.83 -35.76
C ASP A 87 16.33 4.52 -35.78
N SER A 88 17.10 4.30 -36.87
CA SER A 88 17.61 2.97 -37.16
C SER A 88 18.49 2.43 -36.05
N SER A 89 19.44 3.22 -35.57
CA SER A 89 20.43 2.68 -34.65
C SER A 89 19.81 2.35 -33.31
N THR A 90 18.74 3.05 -32.95
CA THR A 90 17.98 2.75 -31.74
C THR A 90 16.70 2.00 -32.03
N GLY A 91 16.23 2.04 -33.28
CA GLY A 91 14.93 1.53 -33.61
C GLY A 91 13.78 2.31 -33.00
N VAL A 92 14.05 3.32 -32.19
CA VAL A 92 12.97 4.03 -31.52
C VAL A 92 12.17 4.81 -32.56
N TRP A 93 10.87 4.78 -32.40
CA TRP A 93 9.96 5.56 -33.22
C TRP A 93 9.61 6.82 -32.44
N SER A 94 9.65 7.97 -33.11
CA SER A 94 9.36 9.24 -32.46
C SER A 94 8.42 10.07 -33.31
N LEU A 95 7.67 10.95 -32.66
CA LEU A 95 6.88 11.96 -33.36
C LEU A 95 6.74 13.16 -32.45
N ASN A 96 6.71 14.35 -33.08
CA ASN A 96 6.43 15.59 -32.38
C ASN A 96 5.47 16.44 -33.19
N LEU A 97 4.49 17.03 -32.50
CA LEU A 97 3.51 17.88 -33.13
C LEU A 97 3.33 19.16 -32.34
N SER A 98 3.07 20.25 -33.06
CA SER A 98 2.68 21.52 -32.46
C SER A 98 1.17 21.59 -32.24
N GLY A 99 0.79 22.47 -31.32
CA GLY A 99 -0.56 22.56 -30.82
C GLY A 99 -0.69 21.99 -29.42
N ASP A 100 -1.74 22.41 -28.73
CA ASP A 100 -2.02 21.93 -27.38
C ASP A 100 -2.91 20.70 -27.47
N TYR A 101 -2.35 19.55 -27.10
CA TYR A 101 -3.08 18.30 -27.04
C TYR A 101 -3.46 17.92 -25.62
N LYS A 102 -3.39 18.87 -24.69
CA LYS A 102 -3.81 18.61 -23.31
C LYS A 102 -5.15 17.89 -23.26
N ASN A 103 -5.19 16.81 -22.48
CA ASN A 103 -6.39 16.01 -22.26
C ASN A 103 -6.96 15.44 -23.54
N LYS A 104 -6.20 15.43 -24.62
CA LYS A 104 -6.55 14.59 -25.76
C LYS A 104 -6.13 13.15 -25.46
N TYR A 105 -6.92 12.20 -25.96
CA TYR A 105 -6.64 10.79 -25.83
C TYR A 105 -5.93 10.26 -27.07
N TYR A 106 -5.20 9.15 -26.92
CA TYR A 106 -4.43 8.65 -28.05
C TYR A 106 -4.00 7.21 -27.83
N THR A 107 -3.59 6.58 -28.93
CA THR A 107 -3.05 5.22 -28.93
C THR A 107 -2.08 5.08 -30.10
N TYR A 108 -1.22 4.06 -30.02
CA TYR A 108 -0.44 3.61 -31.16
C TYR A 108 -1.02 2.35 -31.77
N LEU A 109 -1.02 2.29 -33.10
CA LEU A 109 -1.14 1.05 -33.83
C LEU A 109 0.27 0.57 -34.19
N VAL A 110 0.63 -0.62 -33.75
CA VAL A 110 1.95 -1.19 -33.97
C VAL A 110 1.83 -2.28 -35.03
N THR A 111 2.67 -2.20 -36.05
CA THR A 111 2.67 -3.15 -37.17
C THR A 111 3.93 -4.00 -37.10
N VAL A 112 3.79 -5.24 -36.69
CA VAL A 112 4.91 -6.17 -36.55
C VAL A 112 4.56 -7.47 -37.25
N ASN A 113 5.50 -7.98 -38.05
CA ASN A 113 5.30 -9.21 -38.81
C ASN A 113 4.02 -9.16 -39.64
N GLY A 114 3.71 -7.98 -40.16
CA GLY A 114 2.49 -7.79 -40.94
C GLY A 114 1.21 -7.72 -40.15
N THR A 115 1.21 -8.12 -38.89
CA THR A 115 0.06 -7.92 -38.03
C THR A 115 0.01 -6.47 -37.56
N THR A 116 -1.18 -6.02 -37.17
CA THR A 116 -1.32 -4.74 -36.49
C THR A 116 -2.16 -4.93 -35.23
N LYS A 117 -1.70 -4.36 -34.13
CA LYS A 117 -2.41 -4.43 -32.85
C LYS A 117 -2.36 -3.06 -32.18
N GLU A 118 -3.47 -2.68 -31.55
CA GLU A 118 -3.60 -1.38 -30.90
C GLU A 118 -3.18 -1.48 -29.44
N THR A 119 -2.35 -0.54 -29.01
CA THR A 119 -1.40 -0.77 -27.93
C THR A 119 -1.65 0.07 -26.70
N GLN A 120 -2.82 0.70 -26.57
CA GLN A 120 -3.01 1.78 -25.61
C GLN A 120 -1.80 2.70 -25.76
N ASP A 121 -1.07 2.99 -24.69
CA ASP A 121 0.34 3.35 -24.77
C ASP A 121 1.14 2.57 -23.73
N VAL A 122 2.26 2.02 -24.17
CA VAL A 122 3.18 1.35 -23.26
C VAL A 122 3.49 2.25 -22.07
N TYR A 123 3.79 3.52 -22.33
CA TYR A 123 3.91 4.52 -21.26
C TYR A 123 2.61 5.30 -21.22
N SER A 124 1.79 5.02 -20.21
CA SER A 124 0.45 5.58 -20.06
C SER A 124 0.36 6.30 -18.72
N GLN A 125 0.63 7.60 -18.70
CA GLN A 125 0.56 8.33 -17.45
C GLN A 125 -0.88 8.60 -17.03
N ALA A 126 -1.79 8.75 -18.00
CA ALA A 126 -3.19 8.97 -17.69
C ALA A 126 -4.04 8.25 -18.72
N VAL A 127 -5.14 7.68 -18.25
CA VAL A 127 -5.85 6.61 -18.96
C VAL A 127 -7.33 6.93 -19.02
N GLY A 128 -7.97 6.38 -20.03
CA GLY A 128 -9.40 6.23 -20.04
C GLY A 128 -9.95 5.21 -19.07
N VAL A 129 -11.03 4.56 -19.49
CA VAL A 129 -11.77 3.61 -18.68
C VAL A 129 -11.22 2.20 -18.85
N ASN A 130 -10.88 1.56 -17.74
CA ASN A 130 -10.13 0.31 -17.71
C ASN A 130 -8.74 0.35 -18.32
N GLY A 131 -8.29 1.50 -18.81
CA GLY A 131 -7.05 1.56 -19.58
C GLY A 131 -7.14 1.51 -21.09
N ASN A 132 -8.32 1.36 -21.67
CA ASN A 132 -8.38 1.17 -23.11
C ASN A 132 -7.55 2.20 -23.87
N ARG A 133 -7.37 3.38 -23.30
CA ARG A 133 -6.73 4.49 -24.00
C ARG A 133 -5.94 5.35 -23.02
N THR A 134 -5.11 6.23 -23.58
CA THR A 134 -4.28 7.16 -22.83
C THR A 134 -4.60 8.58 -23.27
N MET A 135 -4.40 9.54 -22.36
CA MET A 135 -4.48 10.96 -22.72
C MET A 135 -3.29 11.72 -22.15
N VAL A 136 -2.93 12.81 -22.84
CA VAL A 136 -1.75 13.61 -22.51
C VAL A 136 -2.00 14.51 -21.31
N VAL A 137 -1.69 14.01 -20.12
CA VAL A 137 -1.97 14.77 -18.91
C VAL A 137 -1.07 16.00 -18.88
N ASP A 138 -1.66 17.18 -18.71
CA ASP A 138 -0.87 18.37 -18.39
C ASP A 138 -0.49 18.27 -16.91
N LEU A 139 0.60 17.55 -16.69
CA LEU A 139 0.84 16.89 -15.40
C LEU A 139 0.56 17.82 -14.22
N ASP A 140 1.28 18.93 -14.14
CA ASP A 140 1.17 19.82 -12.99
C ASP A 140 -0.20 20.47 -12.87
N SER A 141 -0.92 20.63 -13.98
CA SER A 141 -2.25 21.23 -13.89
C SER A 141 -3.20 20.40 -13.04
N THR A 142 -3.00 19.08 -12.97
CA THR A 142 -3.90 18.24 -12.20
C THR A 142 -3.82 18.53 -10.71
N ASP A 143 -2.73 19.11 -10.26
CA ASP A 143 -2.43 19.19 -8.85
C ASP A 143 -3.58 19.84 -8.07
N PRO A 144 -4.02 19.28 -6.95
CA PRO A 144 -5.04 19.93 -6.13
C PRO A 144 -4.49 21.17 -5.45
N SER A 145 -5.41 21.95 -4.91
CA SER A 145 -5.04 23.12 -4.13
C SER A 145 -4.13 22.73 -2.98
N GLY A 146 -3.05 23.48 -2.82
CA GLY A 146 -2.05 23.21 -1.80
C GLY A 146 -1.23 21.98 -2.09
N TRP A 147 -1.11 21.61 -3.36
CA TRP A 147 -0.24 20.51 -3.75
C TRP A 147 1.20 20.95 -3.96
N SER A 148 1.40 22.09 -4.62
CA SER A 148 2.74 22.51 -4.98
C SER A 148 3.64 22.60 -3.74
N ASP A 149 3.06 22.86 -2.58
CA ASP A 149 3.80 22.84 -1.32
C ASP A 149 3.61 21.53 -0.57
N ASP A 150 3.10 20.49 -1.22
CA ASP A 150 3.19 19.15 -0.66
C ASP A 150 4.64 18.72 -0.47
N LYS A 151 4.82 17.73 0.40
CA LYS A 151 6.09 17.06 0.60
C LYS A 151 5.88 15.56 0.65
N HIS A 152 6.89 14.82 0.21
CA HIS A 152 6.99 13.41 0.54
C HIS A 152 6.90 13.19 2.04
N VAL A 153 6.48 11.99 2.42
CA VAL A 153 6.58 11.56 3.82
C VAL A 153 7.51 10.36 3.86
N LEU A 154 8.78 10.61 3.56
CA LEU A 154 9.80 9.58 3.62
C LEU A 154 10.06 9.19 5.06
N PHE A 155 10.49 7.95 5.25
CA PHE A 155 11.02 7.53 6.54
C PHE A 155 12.54 7.46 6.47
N ASN A 156 13.18 8.08 7.45
CA ASN A 156 14.64 8.14 7.46
C ASN A 156 15.26 6.74 7.52
N SER A 157 14.86 5.95 8.49
CA SER A 157 14.96 4.50 8.39
C SER A 157 13.77 3.92 7.64
N ALA A 158 14.04 2.90 6.85
CA ALA A 158 12.97 2.14 6.20
C ALA A 158 12.04 1.48 7.20
N SER A 159 12.56 1.06 8.35
CA SER A 159 11.79 0.23 9.27
C SER A 159 10.74 1.01 10.04
N GLU A 160 10.83 2.34 10.09
CA GLU A 160 9.90 3.12 10.88
C GLU A 160 8.49 3.05 10.32
N ALA A 161 8.31 2.51 9.11
CA ALA A 161 6.98 2.23 8.62
C ALA A 161 6.28 1.20 9.51
N ALA A 162 4.98 1.04 9.26
CA ALA A 162 4.14 0.09 9.97
C ALA A 162 2.98 -0.28 9.06
N VAL A 163 3.31 -0.88 7.92
CA VAL A 163 2.46 -0.81 6.75
C VAL A 163 1.10 -1.42 7.06
N TRP A 164 0.05 -0.62 6.88
CA TRP A 164 -1.33 -1.05 7.05
C TRP A 164 -1.91 -1.29 5.66
N GLU A 165 -1.88 -2.54 5.21
CA GLU A 165 -2.37 -2.89 3.88
C GLU A 165 -3.89 -2.79 3.81
N VAL A 166 -4.38 -1.81 3.08
CA VAL A 166 -5.81 -1.62 2.86
C VAL A 166 -6.06 -1.67 1.36
N HIS A 167 -7.01 -2.49 0.96
CA HIS A 167 -7.66 -2.31 -0.33
C HIS A 167 -8.78 -1.29 -0.16
N VAL A 168 -8.61 -0.13 -0.78
CA VAL A 168 -9.40 1.06 -0.52
C VAL A 168 -10.89 0.79 -0.38
N ARG A 169 -11.45 -0.03 -1.25
CA ARG A 169 -12.89 -0.25 -1.18
C ARG A 169 -13.29 -0.87 0.15
N ASP A 170 -12.46 -1.77 0.67
CA ASP A 170 -12.80 -2.48 1.89
C ASP A 170 -13.01 -1.51 3.05
N PHE A 171 -12.08 -0.58 3.18
CA PHE A 171 -12.12 0.44 4.21
C PHE A 171 -13.34 1.35 4.09
N SER A 172 -13.75 1.65 2.87
CA SER A 172 -14.78 2.65 2.64
C SER A 172 -16.21 2.16 2.64
N VAL A 173 -16.50 1.01 2.02
CA VAL A 173 -17.83 0.77 1.46
C VAL A 173 -18.86 0.21 2.41
N SER A 174 -18.48 -0.20 3.61
CA SER A 174 -19.50 -0.70 4.54
C SER A 174 -20.56 0.37 4.80
N LYS A 175 -21.82 -0.08 4.87
CA LYS A 175 -22.94 0.84 5.06
C LYS A 175 -22.76 1.66 6.32
N ASN A 176 -22.23 1.05 7.37
CA ASN A 176 -22.03 1.70 8.65
C ASN A 176 -20.76 2.54 8.69
N SER A 177 -20.06 2.69 7.57
CA SER A 177 -18.72 3.24 7.59
C SER A 177 -18.66 4.72 7.95
N GLY A 178 -19.78 5.41 8.08
CA GLY A 178 -19.72 6.83 8.32
C GLY A 178 -19.32 7.66 7.11
N VAL A 179 -18.53 7.07 6.22
CA VAL A 179 -18.17 7.73 4.98
C VAL A 179 -19.41 8.00 4.16
N SER A 180 -19.45 9.19 3.56
CA SER A 180 -20.61 9.60 2.77
C SER A 180 -20.88 8.64 1.62
N GLU A 181 -22.15 8.54 1.28
CA GLU A 181 -22.63 7.67 0.20
C GLU A 181 -21.95 7.94 -1.13
N ASP A 182 -21.34 9.10 -1.32
CA ASP A 182 -20.60 9.35 -2.55
C ASP A 182 -19.10 9.21 -2.36
N ASN A 183 -18.63 9.25 -1.13
CA ASN A 183 -17.25 8.92 -0.83
C ASN A 183 -17.09 7.45 -0.49
N LYS A 184 -18.18 6.78 -0.13
CA LYS A 184 -18.18 5.34 0.11
C LYS A 184 -17.65 4.54 -1.08
N GLY A 185 -16.45 3.99 -0.92
CA GLY A 185 -15.77 3.19 -1.92
C GLY A 185 -14.70 3.86 -2.76
N LYS A 186 -14.27 5.07 -2.43
CA LYS A 186 -13.57 5.90 -3.39
C LYS A 186 -12.46 6.66 -2.67
N TYR A 187 -11.52 7.20 -3.44
CA TYR A 187 -10.30 7.75 -2.86
C TYR A 187 -10.58 8.79 -1.78
N LEU A 188 -11.58 9.63 -2.01
CA LEU A 188 -11.93 10.68 -1.05
C LEU A 188 -12.55 10.14 0.23
N ALA A 189 -12.72 8.83 0.35
CA ALA A 189 -12.98 8.24 1.66
C ALA A 189 -11.77 8.35 2.57
N PHE A 190 -10.58 8.51 2.01
CA PHE A 190 -9.43 8.95 2.79
C PHE A 190 -9.44 10.46 3.03
N ALA A 191 -10.41 11.17 2.47
CA ALA A 191 -10.45 12.62 2.46
C ALA A 191 -11.70 13.19 3.10
N GLU A 192 -12.79 12.44 3.20
CA GLU A 192 -13.96 12.95 3.89
C GLU A 192 -13.60 13.38 5.29
N GLY A 193 -13.90 14.65 5.60
CA GLY A 193 -13.35 15.33 6.75
C GLY A 193 -13.47 14.53 8.03
N GLY A 194 -14.71 14.22 8.41
CA GLY A 194 -14.95 13.58 9.68
C GLY A 194 -16.20 12.73 9.70
N THR A 195 -16.11 11.57 10.32
CA THR A 195 -17.03 10.47 10.06
C THR A 195 -17.10 9.61 11.32
N THR A 196 -18.30 9.18 11.67
CA THR A 196 -18.54 8.36 12.85
C THR A 196 -19.34 7.12 12.49
N LEU A 197 -19.16 6.08 13.29
CA LEU A 197 -19.84 4.82 13.08
C LEU A 197 -21.34 5.01 12.90
N ASN A 198 -21.84 4.60 11.74
CA ASN A 198 -23.22 4.80 11.30
C ASN A 198 -23.58 6.26 11.06
N SER A 199 -22.59 7.13 10.85
CA SER A 199 -22.77 8.48 10.36
C SER A 199 -23.43 9.42 11.36
N ASP A 200 -23.86 8.93 12.52
CA ASP A 200 -24.67 9.74 13.41
C ASP A 200 -23.83 10.89 13.96
N THR A 201 -24.30 12.12 13.71
CA THR A 201 -23.89 13.31 14.44
C THR A 201 -24.20 13.20 15.92
N SER A 202 -23.21 12.80 16.71
CA SER A 202 -23.44 12.16 17.99
C SER A 202 -22.13 12.10 18.76
N SER A 203 -22.23 11.81 20.05
CA SER A 203 -21.12 11.23 20.79
C SER A 203 -20.94 9.76 20.41
N SER A 204 -21.14 9.46 19.13
CA SER A 204 -20.82 8.16 18.54
C SER A 204 -19.32 8.01 18.45
N ALA A 205 -18.70 7.82 19.59
CA ALA A 205 -17.27 7.92 19.81
C ALA A 205 -16.45 7.09 18.83
N VAL A 206 -17.08 6.19 18.06
CA VAL A 206 -16.37 5.49 16.99
C VAL A 206 -16.40 6.40 15.76
N SER A 207 -15.43 7.30 15.70
CA SER A 207 -14.99 7.88 14.45
C SER A 207 -14.46 6.79 13.52
N THR A 208 -14.76 6.92 12.24
CA THR A 208 -14.45 5.89 11.27
C THR A 208 -13.80 6.54 10.07
N GLY A 209 -13.41 5.71 9.11
CA GLY A 209 -12.73 6.21 7.93
C GLY A 209 -11.41 6.88 8.25
N ILE A 210 -11.15 7.99 7.56
CA ILE A 210 -9.89 8.69 7.73
C ILE A 210 -9.66 9.12 9.17
N ASP A 211 -10.70 9.48 9.91
CA ASP A 211 -10.54 9.85 11.31
C ASP A 211 -9.87 8.73 12.11
N TYR A 212 -10.28 7.49 11.86
CA TYR A 212 -9.70 6.37 12.59
C TYR A 212 -8.19 6.28 12.34
N LEU A 213 -7.75 6.49 11.10
CA LEU A 213 -6.32 6.48 10.85
C LEU A 213 -5.61 7.52 11.70
N VAL A 214 -6.24 8.67 11.92
CA VAL A 214 -5.61 9.68 12.76
C VAL A 214 -5.58 9.20 14.20
N GLU A 215 -6.68 8.65 14.69
CA GLU A 215 -6.71 8.15 16.05
C GLU A 215 -5.66 7.06 16.24
N GLN A 216 -5.67 6.07 15.35
CA GLN A 216 -4.63 5.05 15.41
C GLN A 216 -3.26 5.64 15.14
N GLY A 217 -3.20 6.67 14.30
CA GLY A 217 -1.94 7.18 13.83
C GLY A 217 -1.21 6.13 13.04
N ILE A 218 -1.89 5.50 12.09
CA ILE A 218 -1.38 4.28 11.47
C ILE A 218 -0.07 4.50 10.73
N ASN A 219 0.35 5.75 10.57
CA ASN A 219 1.72 6.06 10.15
C ASN A 219 2.07 5.73 8.70
N CYS A 220 1.66 4.58 8.18
CA CYS A 220 1.89 4.31 6.76
C CYS A 220 0.83 3.38 6.20
N VAL A 221 0.15 3.85 5.19
CA VAL A 221 -0.76 3.01 4.41
C VAL A 221 0.03 2.27 3.35
N GLN A 222 -0.38 1.06 3.04
CA GLN A 222 -0.12 0.47 1.74
C GLN A 222 -1.43 0.27 1.03
N LEU A 223 -1.57 0.94 -0.10
CA LEU A 223 -2.69 0.71 -1.00
C LEU A 223 -2.45 -0.58 -1.75
N MET A 224 -3.32 -1.55 -1.55
CA MET A 224 -3.43 -2.64 -2.51
C MET A 224 -3.67 -2.07 -3.90
N PRO A 225 -3.33 -2.82 -4.93
CA PRO A 225 -2.93 -2.21 -6.20
C PRO A 225 -3.84 -1.15 -6.79
N VAL A 226 -3.35 0.09 -6.80
CA VAL A 226 -4.14 1.25 -7.17
C VAL A 226 -3.84 1.74 -8.58
N TYR A 227 -2.83 1.18 -9.23
CA TYR A 227 -2.75 1.27 -10.67
C TYR A 227 -3.92 0.59 -11.34
N ASP A 228 -4.13 0.95 -12.59
CA ASP A 228 -5.21 0.42 -13.42
C ASP A 228 -5.14 -1.08 -13.62
N TYR A 229 -6.09 -1.82 -13.04
CA TYR A 229 -6.17 -3.25 -13.24
C TYR A 229 -7.48 -3.60 -13.94
N GLY A 230 -7.41 -4.64 -14.77
CA GLY A 230 -8.51 -5.10 -15.60
C GLY A 230 -9.58 -5.93 -14.94
N SER A 231 -9.31 -6.49 -13.77
CA SER A 231 -10.25 -7.45 -13.18
C SER A 231 -11.41 -6.80 -12.43
N VAL A 232 -11.58 -5.50 -12.51
CA VAL A 232 -12.83 -4.84 -12.14
C VAL A 232 -13.34 -4.07 -13.34
N LYS A 233 -14.64 -4.20 -13.60
CA LYS A 233 -15.28 -3.39 -14.63
C LYS A 233 -15.51 -1.99 -14.07
N GLU A 234 -14.73 -1.03 -14.57
CA GLU A 234 -14.86 0.35 -14.14
C GLU A 234 -16.13 0.99 -14.69
N ASP A 235 -16.71 0.42 -15.74
CA ASP A 235 -17.94 0.96 -16.32
C ASP A 235 -19.11 0.95 -15.36
N VAL A 236 -19.07 0.10 -14.32
CA VAL A 236 -20.18 -0.03 -13.39
C VAL A 236 -19.65 0.00 -11.97
N ALA A 237 -20.55 0.36 -11.05
CA ALA A 237 -20.17 0.52 -9.65
C ALA A 237 -19.50 -0.74 -9.14
N SER A 238 -18.48 -0.55 -8.32
CA SER A 238 -17.89 -1.66 -7.61
C SER A 238 -18.83 -2.19 -6.55
N SER A 239 -18.91 -3.51 -6.45
CA SER A 239 -19.99 -4.18 -5.75
C SER A 239 -19.52 -5.59 -5.42
N SER A 240 -20.36 -6.33 -4.69
CA SER A 240 -20.08 -7.73 -4.43
C SER A 240 -19.89 -8.55 -5.69
N SER A 241 -20.35 -8.04 -6.84
CA SER A 241 -20.19 -8.70 -8.13
C SER A 241 -19.27 -7.96 -9.08
N ASN A 242 -18.59 -6.91 -8.61
CA ASN A 242 -17.69 -6.13 -9.44
C ASN A 242 -16.52 -5.71 -8.55
N ARG A 243 -15.87 -6.73 -7.97
CA ARG A 243 -14.73 -6.56 -7.09
C ARG A 243 -13.55 -7.35 -7.62
N ASN A 244 -12.35 -6.85 -7.34
CA ASN A 244 -11.16 -7.68 -7.39
C ASN A 244 -10.09 -7.08 -6.49
N TRP A 245 -9.13 -7.90 -6.08
CA TRP A 245 -7.94 -7.34 -5.47
C TRP A 245 -7.15 -6.48 -6.45
N GLY A 246 -7.19 -6.79 -7.74
CA GLY A 246 -6.54 -5.96 -8.73
C GLY A 246 -5.14 -6.38 -9.12
N TYR A 247 -4.75 -7.62 -8.84
CA TYR A 247 -3.53 -8.19 -9.39
C TYR A 247 -3.65 -8.60 -10.85
N ASP A 248 -4.06 -7.66 -11.69
CA ASP A 248 -4.23 -7.88 -13.12
C ASP A 248 -3.80 -6.59 -13.80
N PRO A 249 -2.51 -6.27 -13.75
CA PRO A 249 -2.05 -4.98 -14.24
C PRO A 249 -2.31 -4.80 -15.71
N VAL A 250 -2.72 -3.60 -16.07
CA VAL A 250 -3.07 -3.28 -17.45
C VAL A 250 -2.33 -2.01 -17.84
N ASN A 251 -2.31 -1.03 -16.93
CA ASN A 251 -1.38 0.09 -17.00
C ASN A 251 -0.66 0.28 -15.68
N TYR A 252 0.66 0.31 -15.73
CA TYR A 252 1.50 0.51 -14.55
C TYR A 252 1.56 1.96 -14.09
N ASN A 253 1.36 2.92 -14.98
CA ASN A 253 1.69 4.32 -14.72
C ASN A 253 0.48 5.20 -14.43
N ALA A 254 -0.73 4.66 -14.46
CA ALA A 254 -1.93 5.44 -14.23
C ALA A 254 -2.73 4.79 -13.10
N PRO A 255 -3.24 5.57 -12.15
CA PRO A 255 -4.05 5.00 -11.08
C PRO A 255 -5.42 4.53 -11.54
N GLU A 256 -5.96 3.60 -10.77
CA GLU A 256 -7.27 3.02 -11.05
C GLU A 256 -8.33 4.09 -11.18
N GLY A 257 -9.17 3.97 -12.20
CA GLY A 257 -10.36 4.78 -12.35
C GLY A 257 -11.56 4.44 -11.49
N SER A 258 -11.78 3.15 -11.23
CA SER A 258 -12.97 2.75 -10.48
C SER A 258 -13.01 3.40 -9.11
N TYR A 259 -11.87 3.61 -8.47
CA TYR A 259 -11.86 4.30 -7.19
C TYR A 259 -12.04 5.80 -7.32
N SER A 260 -11.91 6.35 -8.52
CA SER A 260 -12.35 7.71 -8.76
C SER A 260 -13.85 7.83 -8.60
N THR A 261 -14.31 9.03 -8.26
CA THR A 261 -15.69 9.41 -8.52
C THR A 261 -16.02 9.47 -10.01
N ASN A 262 -15.02 9.64 -10.88
CA ASN A 262 -15.27 9.91 -12.30
C ASN A 262 -14.22 9.21 -13.15
N PRO A 263 -14.29 7.89 -13.24
CA PRO A 263 -13.27 7.18 -14.01
C PRO A 263 -13.14 7.67 -15.44
N TYR A 264 -14.25 8.03 -16.08
CA TYR A 264 -14.18 8.53 -17.45
C TYR A 264 -13.19 9.67 -17.59
N ASP A 265 -12.85 10.36 -16.51
CA ASP A 265 -12.08 11.59 -16.54
C ASP A 265 -10.72 11.30 -15.91
N GLY A 266 -9.69 11.35 -16.72
CA GLY A 266 -8.36 11.55 -16.18
C GLY A 266 -8.26 12.85 -15.43
N ASN A 267 -7.12 13.02 -14.76
CA ASN A 267 -6.93 14.05 -13.76
C ASN A 267 -7.76 13.78 -12.51
N THR A 268 -9.07 13.61 -12.68
CA THR A 268 -9.93 13.39 -11.52
C THR A 268 -9.36 12.30 -10.63
N ARG A 269 -9.29 11.07 -11.16
CA ARG A 269 -8.58 10.01 -10.47
C ARG A 269 -7.21 10.48 -10.01
N ILE A 270 -6.52 11.27 -10.82
CA ILE A 270 -5.20 11.74 -10.45
C ILE A 270 -5.29 12.71 -9.28
N THR A 271 -6.18 13.69 -9.37
CA THR A 271 -6.30 14.69 -8.32
C THR A 271 -6.77 14.07 -7.02
N GLU A 272 -7.90 13.37 -7.06
CA GLU A 272 -8.34 12.60 -5.91
C GLU A 272 -7.21 11.75 -5.35
N PHE A 273 -6.50 11.03 -6.22
CA PHE A 273 -5.34 10.32 -5.71
C PHE A 273 -4.39 11.30 -5.04
N LYS A 274 -4.13 12.43 -5.69
CA LYS A 274 -3.32 13.45 -5.03
C LYS A 274 -3.97 13.97 -3.76
N GLN A 275 -5.30 14.06 -3.74
CA GLN A 275 -5.96 14.51 -2.51
C GLN A 275 -5.95 13.43 -1.46
N MET A 276 -6.07 12.18 -1.87
CA MET A 276 -5.88 11.08 -0.94
C MET A 276 -4.45 11.07 -0.46
N ILE A 277 -3.51 11.18 -1.39
CA ILE A 277 -2.10 11.31 -1.03
C ILE A 277 -1.91 12.51 -0.12
N GLN A 278 -2.50 13.64 -0.48
CA GLN A 278 -2.29 14.85 0.29
C GLN A 278 -2.94 14.76 1.66
N ALA A 279 -4.09 14.12 1.76
CA ALA A 279 -4.70 13.92 3.07
C ALA A 279 -3.86 13.00 3.93
N LEU A 280 -3.23 11.99 3.34
CA LEU A 280 -2.34 11.16 4.14
C LEU A 280 -1.04 11.89 4.43
N HIS A 281 -0.52 12.61 3.44
CA HIS A 281 0.66 13.44 3.69
C HIS A 281 0.38 14.52 4.73
N ASP A 282 -0.76 15.19 4.63
CA ASP A 282 -1.12 16.16 5.66
C ASP A 282 -1.09 15.51 7.03
N ARG A 283 -1.76 14.40 7.18
CA ARG A 283 -1.74 13.70 8.44
C ARG A 283 -0.40 13.02 8.73
N GLY A 284 0.65 13.29 7.94
CA GLY A 284 1.94 12.68 8.20
C GLY A 284 1.95 11.18 8.03
N ILE A 285 1.07 10.66 7.19
CA ILE A 285 0.98 9.23 6.91
C ILE A 285 1.58 8.96 5.53
N SER A 286 2.58 8.09 5.50
CA SER A 286 3.24 7.71 4.26
C SER A 286 2.40 6.74 3.45
N VAL A 287 2.47 6.86 2.13
CA VAL A 287 1.68 6.03 1.23
C VAL A 287 2.60 5.14 0.42
N VAL A 288 2.43 3.83 0.56
CA VAL A 288 3.21 2.82 -0.16
C VAL A 288 2.28 2.12 -1.14
N MET A 289 2.82 1.79 -2.31
CA MET A 289 2.02 1.32 -3.43
C MET A 289 2.44 -0.08 -3.80
N ASP A 290 1.48 -1.00 -3.85
CA ASP A 290 1.70 -2.33 -4.42
C ASP A 290 1.75 -2.24 -5.94
N VAL A 291 2.91 -2.54 -6.52
CA VAL A 291 3.14 -2.54 -7.96
C VAL A 291 3.54 -3.93 -8.42
N VAL A 292 2.99 -4.37 -9.56
CA VAL A 292 2.92 -5.78 -9.89
C VAL A 292 3.52 -6.03 -11.27
N TYR A 293 4.81 -5.73 -11.41
CA TYR A 293 5.53 -5.80 -12.68
C TYR A 293 5.77 -7.21 -13.18
N ASN A 294 5.74 -8.22 -12.31
CA ASN A 294 6.20 -9.55 -12.74
C ASN A 294 5.33 -10.16 -13.83
N HIS A 295 4.06 -9.79 -13.91
CA HIS A 295 3.18 -10.38 -14.91
C HIS A 295 2.14 -9.34 -15.29
N THR A 296 1.43 -9.59 -16.38
CA THR A 296 0.30 -8.76 -16.71
C THR A 296 -0.97 -9.58 -16.86
N PHE A 297 -2.09 -8.87 -16.80
CA PHE A 297 -3.39 -9.51 -16.90
C PHE A 297 -3.53 -10.37 -18.13
N SER A 298 -2.93 -9.96 -19.23
CA SER A 298 -3.29 -10.50 -20.54
C SER A 298 -2.08 -10.70 -21.43
N ASN A 299 -2.02 -11.86 -22.05
CA ASN A 299 -1.01 -12.13 -23.05
C ASN A 299 -1.20 -11.31 -24.31
N ASP A 300 -2.26 -10.51 -24.40
CA ASP A 300 -2.42 -9.54 -25.47
C ASP A 300 -2.37 -8.10 -24.95
N SER A 301 -1.83 -7.89 -23.76
CA SER A 301 -1.43 -6.56 -23.33
C SER A 301 -0.61 -5.84 -24.40
N CYS A 302 -0.66 -4.51 -24.32
CA CYS A 302 0.20 -3.63 -25.11
C CYS A 302 1.61 -4.15 -25.35
N PHE A 303 2.29 -4.62 -24.31
CA PHE A 303 3.63 -5.16 -24.49
C PHE A 303 3.69 -6.13 -25.67
N ASN A 304 2.96 -7.23 -25.61
CA ASN A 304 2.97 -8.14 -26.74
C ASN A 304 2.46 -7.48 -28.01
N ARG A 305 1.51 -6.56 -27.88
CA ARG A 305 1.07 -5.82 -29.05
C ARG A 305 2.16 -4.93 -29.63
N THR A 306 3.10 -4.46 -28.83
CA THR A 306 4.06 -3.48 -29.31
C THR A 306 5.37 -4.09 -29.77
N VAL A 307 5.87 -5.11 -29.08
CA VAL A 307 7.05 -5.86 -29.52
C VAL A 307 6.75 -7.33 -29.29
N PRO A 308 5.94 -7.94 -30.14
CA PRO A 308 5.52 -9.33 -29.89
C PRO A 308 6.69 -10.28 -29.73
N GLY A 309 6.71 -10.98 -28.61
CA GLY A 309 7.77 -11.90 -28.26
C GLY A 309 9.03 -11.31 -27.66
N TYR A 310 9.09 -10.00 -27.45
CA TYR A 310 10.17 -9.42 -26.67
C TYR A 310 9.87 -9.38 -25.18
N TYR A 311 8.75 -8.75 -24.81
CA TYR A 311 8.53 -8.40 -23.41
C TYR A 311 8.17 -9.62 -22.56
N TYR A 312 7.61 -10.65 -23.17
CA TYR A 312 7.24 -11.87 -22.48
C TYR A 312 8.22 -12.98 -22.80
N ARG A 313 8.72 -13.62 -21.75
CA ARG A 313 9.52 -14.82 -21.93
C ARG A 313 8.70 -15.90 -22.62
N MET A 314 9.38 -16.68 -23.45
CA MET A 314 8.73 -17.68 -24.29
C MET A 314 9.68 -18.86 -24.42
N HIS A 315 9.26 -20.03 -23.96
CA HIS A 315 10.07 -21.21 -24.20
C HIS A 315 10.08 -21.58 -25.67
N SER A 316 9.11 -21.08 -26.42
CA SER A 316 9.06 -21.22 -27.86
C SER A 316 8.29 -20.04 -28.42
N SER A 317 8.61 -19.65 -29.64
CA SER A 317 7.78 -18.69 -30.33
C SER A 317 6.33 -19.13 -30.40
N SER A 318 6.05 -20.38 -30.07
CA SER A 318 4.69 -20.88 -29.90
C SER A 318 4.12 -20.66 -28.50
N ALA A 319 4.95 -20.61 -27.47
CA ALA A 319 4.44 -20.86 -26.13
C ALA A 319 5.16 -20.03 -25.09
N TYR A 320 4.41 -19.14 -24.45
CA TYR A 320 4.83 -18.44 -23.25
C TYR A 320 5.20 -19.42 -22.15
N SER A 321 6.12 -19.01 -21.29
CA SER A 321 6.27 -19.70 -20.03
C SER A 321 5.25 -19.15 -19.04
N ASN A 322 5.13 -19.84 -17.90
CA ASN A 322 4.07 -19.57 -16.95
C ASN A 322 4.60 -19.54 -15.53
N GLY A 323 5.84 -19.13 -15.35
CA GLY A 323 6.47 -19.14 -14.05
C GLY A 323 5.90 -18.19 -13.01
N SER A 324 4.75 -17.59 -13.28
CA SER A 324 4.17 -16.67 -12.32
C SER A 324 2.70 -16.98 -12.06
N GLY A 325 1.94 -17.21 -13.12
CA GLY A 325 0.52 -16.99 -13.10
C GLY A 325 0.05 -16.47 -14.45
N CYS A 326 -1.22 -16.71 -14.72
CA CYS A 326 -1.95 -16.14 -15.86
C CYS A 326 -1.24 -16.38 -17.19
N GLY A 327 -0.28 -17.30 -17.25
CA GLY A 327 0.38 -17.59 -18.51
C GLY A 327 1.44 -16.65 -19.06
N ASN A 328 2.06 -15.80 -18.25
CA ASN A 328 3.16 -15.03 -18.81
C ASN A 328 4.20 -14.69 -17.76
N GLU A 329 5.42 -14.41 -18.24
CA GLU A 329 6.45 -13.75 -17.46
C GLU A 329 6.98 -12.55 -18.25
N THR A 330 6.99 -11.39 -17.60
CA THR A 330 7.69 -10.23 -18.12
C THR A 330 9.18 -10.48 -18.34
N ALA A 331 9.67 -10.01 -19.47
CA ALA A 331 11.05 -10.24 -19.89
C ALA A 331 12.06 -9.41 -19.11
N SER A 332 11.88 -9.27 -17.80
CA SER A 332 12.70 -8.38 -16.97
C SER A 332 14.16 -8.41 -17.40
N ASP A 333 14.63 -9.59 -17.79
CA ASP A 333 16.01 -9.74 -18.23
C ASP A 333 16.38 -8.77 -19.35
N LYS A 334 15.41 -8.35 -20.16
CA LYS A 334 15.68 -7.80 -21.49
C LYS A 334 15.47 -6.30 -21.52
N LEU A 335 16.47 -5.59 -22.04
CA LEU A 335 16.75 -4.20 -21.68
C LEU A 335 15.51 -3.30 -21.78
N MET A 336 14.80 -3.36 -22.88
CA MET A 336 13.72 -2.39 -23.02
C MET A 336 12.53 -2.67 -22.12
N TYR A 337 12.60 -3.69 -21.28
CA TYR A 337 11.78 -3.78 -20.07
C TYR A 337 12.48 -3.20 -18.85
N ARG A 338 13.73 -3.56 -18.63
CA ARG A 338 14.48 -2.98 -17.54
C ARG A 338 14.30 -1.48 -17.50
N LYS A 339 14.43 -0.82 -18.64
CA LYS A 339 14.17 0.61 -18.67
C LYS A 339 12.75 0.94 -18.21
N TYR A 340 11.75 0.32 -18.85
CA TYR A 340 10.35 0.64 -18.55
C TYR A 340 10.01 0.60 -17.06
N MET A 341 10.48 -0.44 -16.37
CA MET A 341 10.40 -0.43 -14.90
C MET A 341 11.16 0.76 -14.32
N ILE A 342 12.43 0.89 -14.65
CA ILE A 342 13.24 1.92 -14.01
C ILE A 342 12.59 3.29 -14.15
N GLU A 343 12.15 3.65 -15.35
CA GLU A 343 11.54 4.96 -15.52
C GLU A 343 10.02 4.93 -15.40
N SER A 344 9.47 3.94 -14.70
CA SER A 344 8.10 3.98 -14.22
C SER A 344 8.02 4.19 -12.72
N VAL A 345 8.64 3.30 -11.96
CA VAL A 345 8.80 3.48 -10.51
C VAL A 345 9.30 4.87 -10.16
N LYS A 346 10.25 5.41 -10.92
CA LYS A 346 10.56 6.82 -10.77
C LYS A 346 9.32 7.70 -10.98
N TYR A 347 8.58 7.47 -12.07
CA TYR A 347 7.44 8.33 -12.36
C TYR A 347 6.48 8.48 -11.19
N TRP A 348 5.99 7.37 -10.64
CA TRP A 348 5.16 7.44 -9.43
C TRP A 348 5.82 8.22 -8.31
N ALA A 349 7.12 8.03 -8.09
CA ALA A 349 7.79 8.80 -7.06
C ALA A 349 7.97 10.26 -7.47
N GLU A 350 8.26 10.51 -8.74
CA GLU A 350 8.34 11.89 -9.21
C GLU A 350 7.06 12.65 -8.91
N GLU A 351 5.94 12.17 -9.45
CA GLU A 351 4.70 12.94 -9.44
C GLU A 351 3.85 12.70 -8.20
N TYR A 352 3.24 11.53 -8.10
CA TYR A 352 2.31 11.24 -7.00
C TYR A 352 2.97 11.30 -5.63
N HIS A 353 4.27 11.44 -5.55
CA HIS A 353 4.99 11.43 -4.29
C HIS A 353 4.81 10.12 -3.53
N ILE A 354 4.55 9.02 -4.24
CA ILE A 354 4.47 7.72 -3.58
C ILE A 354 5.74 7.49 -2.79
N ASP A 355 5.60 6.93 -1.61
CA ASP A 355 6.74 6.76 -0.73
C ASP A 355 7.33 5.35 -0.73
N GLY A 356 6.79 4.42 -1.50
CA GLY A 356 7.46 3.14 -1.66
C GLY A 356 6.67 2.18 -2.52
N PHE A 357 7.39 1.18 -3.00
CA PHE A 357 6.89 0.21 -3.97
C PHE A 357 7.06 -1.22 -3.50
N ARG A 358 5.94 -1.94 -3.40
CA ARG A 358 5.94 -3.35 -3.04
C ARG A 358 5.64 -4.18 -4.30
N PHE A 359 6.59 -5.03 -4.67
CA PHE A 359 6.54 -5.84 -5.89
C PHE A 359 5.99 -7.23 -5.64
N ASP A 360 4.91 -7.56 -6.34
CA ASP A 360 4.48 -8.94 -6.47
C ASP A 360 5.53 -9.80 -7.18
N LEU A 361 5.77 -10.97 -6.59
CA LEU A 361 6.61 -12.03 -7.16
C LEU A 361 7.88 -11.52 -7.86
N MET A 362 8.66 -10.73 -7.12
CA MET A 362 9.99 -10.32 -7.57
C MET A 362 10.79 -11.44 -8.20
N GLY A 363 10.66 -12.65 -7.68
CA GLY A 363 11.38 -13.78 -8.22
C GLY A 363 11.30 -13.97 -9.72
N ILE A 364 10.28 -13.44 -10.39
CA ILE A 364 10.27 -13.46 -11.86
C ILE A 364 11.27 -12.48 -12.44
N HIS A 365 11.36 -11.28 -11.87
CA HIS A 365 12.35 -10.31 -12.34
C HIS A 365 13.77 -10.84 -12.17
N ASP A 366 14.64 -10.38 -13.06
CA ASP A 366 16.06 -10.51 -12.86
C ASP A 366 16.57 -9.48 -11.87
N ILE A 367 17.44 -9.91 -10.97
CA ILE A 367 18.08 -9.02 -10.00
C ILE A 367 18.77 -7.86 -10.68
N THR A 368 19.40 -8.09 -11.82
CA THR A 368 20.00 -6.99 -12.57
C THR A 368 18.98 -5.99 -13.10
N THR A 369 17.70 -6.12 -12.79
CA THR A 369 16.75 -5.04 -12.99
C THR A 369 16.34 -4.37 -11.69
N MET A 370 16.05 -5.15 -10.64
CA MET A 370 15.81 -4.56 -9.33
C MET A 370 16.97 -3.68 -8.91
N ASN A 371 18.19 -4.12 -9.12
CA ASN A 371 19.33 -3.29 -8.75
C ASN A 371 19.32 -1.95 -9.48
N ASP A 372 18.82 -1.91 -10.72
CA ASP A 372 18.82 -0.63 -11.41
C ASP A 372 17.68 0.28 -10.94
N ILE A 373 16.49 -0.27 -10.71
CA ILE A 373 15.39 0.56 -10.19
C ILE A 373 15.79 1.19 -8.87
N ARG A 374 16.27 0.37 -7.93
CA ARG A 374 16.84 0.88 -6.70
C ARG A 374 17.86 1.98 -6.96
N SER A 375 18.84 1.71 -7.80
CA SER A 375 19.84 2.71 -8.11
C SER A 375 19.27 3.91 -8.84
N ALA A 376 18.21 3.73 -9.63
CA ALA A 376 17.62 4.87 -10.33
C ALA A 376 16.86 5.79 -9.37
N LEU A 377 16.12 5.23 -8.42
CA LEU A 377 15.52 6.04 -7.38
C LEU A 377 16.56 6.85 -6.62
N ASP A 378 17.66 6.22 -6.24
CA ASP A 378 18.64 6.93 -5.43
C ASP A 378 19.13 8.21 -6.07
N GLY A 379 18.88 8.43 -7.36
CA GLY A 379 19.28 9.67 -7.99
C GLY A 379 18.16 10.57 -8.47
N LEU A 380 16.91 10.28 -8.13
CA LEU A 380 15.81 11.09 -8.65
C LEU A 380 15.87 12.51 -8.11
N TYR A 381 16.08 12.65 -6.80
CA TYR A 381 16.11 13.92 -6.12
C TYR A 381 17.56 14.29 -5.79
N SER A 382 17.92 15.53 -6.08
CA SER A 382 19.31 15.96 -5.93
C SER A 382 19.81 15.83 -4.50
N ASP A 383 18.93 15.91 -3.50
CA ASP A 383 19.38 15.72 -2.13
C ASP A 383 19.48 14.26 -1.73
N GLY A 384 19.26 13.33 -2.66
CA GLY A 384 19.32 11.92 -2.35
C GLY A 384 18.18 11.38 -1.53
N SER A 385 17.20 12.23 -1.17
CA SER A 385 16.06 11.77 -0.41
C SER A 385 15.41 10.54 -1.02
N GLY A 386 15.38 10.48 -2.35
CA GLY A 386 14.88 9.30 -3.03
C GLY A 386 15.45 8.00 -2.52
N LYS A 387 16.68 8.03 -1.98
CA LYS A 387 17.20 6.87 -1.28
C LYS A 387 16.26 6.36 -0.20
N LYS A 388 15.46 7.24 0.40
CA LYS A 388 14.58 6.82 1.49
C LYS A 388 13.35 6.06 1.04
N ILE A 389 12.93 6.19 -0.22
CA ILE A 389 11.75 5.48 -0.70
C ILE A 389 11.88 3.98 -0.48
N LEU A 390 10.88 3.39 0.16
CA LEU A 390 10.89 1.95 0.43
C LEU A 390 10.66 1.14 -0.84
N MET A 391 11.32 -0.01 -0.93
CA MET A 391 11.08 -0.96 -2.00
C MET A 391 11.19 -2.39 -1.52
N TYR A 392 10.20 -3.24 -1.83
CA TYR A 392 10.24 -4.63 -1.42
C TYR A 392 9.26 -5.44 -2.26
N GLY A 393 9.23 -6.75 -2.04
CA GLY A 393 8.24 -7.58 -2.70
C GLY A 393 8.28 -9.02 -2.24
N GLU A 394 7.47 -9.85 -2.90
CA GLU A 394 7.51 -11.31 -2.77
C GLU A 394 8.68 -11.95 -3.51
N PRO A 395 9.59 -12.66 -2.83
CA PRO A 395 10.71 -13.26 -3.53
C PRO A 395 10.40 -14.58 -4.22
N TRP A 396 9.38 -15.31 -3.80
CA TRP A 396 9.05 -16.57 -4.44
C TRP A 396 8.54 -16.35 -5.85
N THR A 397 8.77 -17.35 -6.69
CA THR A 397 8.15 -17.42 -8.01
C THR A 397 6.71 -17.91 -7.90
N GLY A 398 6.01 -17.80 -9.03
CA GLY A 398 4.65 -18.28 -9.17
C GLY A 398 4.51 -19.49 -10.07
N GLY A 399 5.60 -20.24 -10.25
CA GLY A 399 5.60 -21.35 -11.18
C GLY A 399 7.02 -21.72 -11.58
N SER A 400 7.12 -22.39 -12.72
CA SER A 400 8.43 -22.66 -13.32
C SER A 400 8.99 -21.39 -13.93
N VAL A 401 9.88 -20.72 -13.20
CA VAL A 401 10.48 -19.50 -13.73
C VAL A 401 11.31 -19.85 -14.95
N ALA A 402 11.16 -19.07 -16.01
CA ALA A 402 11.72 -19.44 -17.29
C ALA A 402 13.21 -19.13 -17.42
N ILE A 403 13.77 -18.30 -16.55
CA ILE A 403 15.20 -17.98 -16.61
C ILE A 403 15.86 -18.11 -15.24
N SER A 404 17.17 -18.33 -15.30
CA SER A 404 17.96 -18.87 -14.20
C SER A 404 18.32 -17.82 -13.15
N ASP A 405 18.24 -16.54 -13.49
CA ASP A 405 18.53 -15.46 -12.55
C ASP A 405 17.23 -14.89 -12.01
N GLY A 406 17.02 -15.04 -10.72
CA GLY A 406 15.74 -14.74 -10.11
C GLY A 406 15.93 -14.13 -8.74
N CYS A 407 14.96 -13.29 -8.36
CA CYS A 407 15.07 -12.45 -7.18
C CYS A 407 14.91 -13.25 -5.90
N SER A 408 15.38 -14.48 -5.89
CA SER A 408 15.00 -15.41 -4.84
C SER A 408 15.57 -14.97 -3.50
N GLN A 409 15.00 -15.57 -2.44
CA GLN A 409 15.61 -15.48 -1.13
C GLN A 409 17.03 -16.02 -1.11
N SER A 410 17.35 -17.03 -1.91
CA SER A 410 18.69 -17.57 -1.88
C SER A 410 19.69 -16.66 -2.58
N LYS A 411 19.30 -16.07 -3.70
CA LYS A 411 20.13 -15.11 -4.41
C LYS A 411 20.17 -13.76 -3.72
N ALA A 412 19.53 -13.62 -2.56
CA ALA A 412 19.21 -12.31 -2.01
C ALA A 412 20.44 -11.42 -1.85
N GLY A 413 21.61 -11.99 -1.61
CA GLY A 413 22.79 -11.17 -1.48
C GLY A 413 23.15 -10.34 -2.70
N SER A 414 22.56 -10.61 -3.86
CA SER A 414 22.83 -9.81 -5.05
C SER A 414 21.86 -8.65 -5.27
N LEU A 415 20.75 -8.60 -4.55
CA LEU A 415 19.97 -7.36 -4.50
C LEU A 415 20.69 -6.28 -3.73
N ASN A 416 20.42 -5.04 -4.11
CA ASN A 416 20.83 -3.90 -3.31
C ASN A 416 20.26 -4.01 -1.90
N PRO A 417 21.02 -3.60 -0.88
CA PRO A 417 20.53 -3.73 0.50
C PRO A 417 19.15 -3.16 0.78
N ARG A 418 18.63 -2.29 -0.07
CA ARG A 418 17.38 -1.60 0.22
C ARG A 418 16.30 -1.98 -0.79
N VAL A 419 16.34 -3.21 -1.29
CA VAL A 419 15.20 -3.86 -1.92
C VAL A 419 14.82 -5.05 -1.04
N GLY A 420 13.55 -5.10 -0.62
CA GLY A 420 13.09 -6.09 0.33
C GLY A 420 12.18 -7.19 -0.19
N MET A 421 12.06 -8.21 0.66
CA MET A 421 11.44 -9.50 0.36
C MET A 421 10.52 -9.86 1.52
N PHE A 422 9.29 -10.26 1.20
CA PHE A 422 8.49 -11.02 2.15
C PHE A 422 9.18 -12.31 2.56
N CYS A 423 8.88 -12.75 3.78
CA CYS A 423 9.61 -13.82 4.47
C CYS A 423 8.62 -14.90 4.87
N ASP A 424 8.23 -15.74 3.92
CA ASP A 424 7.19 -16.73 4.18
C ASP A 424 7.61 -17.69 5.29
N SER A 425 8.86 -18.13 5.28
CA SER A 425 9.34 -19.02 6.33
C SER A 425 9.01 -18.47 7.71
N TYR A 426 9.03 -17.14 7.84
CA TYR A 426 8.56 -16.53 9.07
C TYR A 426 7.05 -16.63 9.22
N ARG A 427 6.31 -16.02 8.29
CA ARG A 427 4.85 -16.11 8.27
C ARG A 427 4.32 -17.47 8.68
N ASP A 428 4.61 -18.50 7.90
CA ASP A 428 4.08 -19.83 8.17
C ASP A 428 4.37 -20.30 9.59
N ALA A 429 5.54 -19.99 10.13
CA ALA A 429 5.81 -20.46 11.47
C ALA A 429 4.94 -19.77 12.50
N ILE A 430 4.60 -18.51 12.27
CA ILE A 430 3.69 -17.81 13.19
C ILE A 430 2.34 -18.52 13.23
N LYS A 431 1.70 -18.63 12.06
CA LYS A 431 0.28 -18.93 11.95
C LYS A 431 -0.01 -20.29 11.33
N GLY A 432 1.01 -20.96 10.80
CA GLY A 432 0.82 -22.15 9.99
C GLY A 432 0.73 -21.86 8.50
N SER A 433 0.30 -22.88 7.76
CA SER A 433 -0.06 -22.72 6.37
C SER A 433 -0.89 -21.46 6.13
N THR A 434 -0.84 -20.92 4.92
CA THR A 434 -1.74 -19.83 4.58
C THR A 434 -3.19 -20.25 4.70
N ASP A 435 -3.48 -21.53 4.63
CA ASP A 435 -4.78 -21.99 4.14
C ASP A 435 -5.39 -23.09 4.99
N GLY A 436 -4.61 -24.12 5.30
CA GLY A 436 -5.12 -25.19 6.13
C GLY A 436 -5.44 -24.76 7.54
N SER A 437 -6.21 -25.62 8.19
CA SER A 437 -6.42 -25.57 9.64
C SER A 437 -5.14 -25.73 10.43
N ASP A 438 -4.09 -26.30 9.86
CA ASP A 438 -2.89 -26.63 10.62
C ASP A 438 -2.42 -25.46 11.47
N LYS A 439 -2.46 -25.67 12.78
CA LYS A 439 -2.12 -24.65 13.75
C LYS A 439 -0.66 -24.24 13.65
N GLY A 440 -0.43 -22.93 13.63
CA GLY A 440 0.90 -22.39 13.81
C GLY A 440 1.21 -22.09 15.27
N PHE A 441 2.28 -21.33 15.46
CA PHE A 441 2.67 -20.90 16.80
C PHE A 441 1.55 -20.20 17.54
N VAL A 442 0.93 -19.20 16.92
CA VAL A 442 -0.04 -18.38 17.64
C VAL A 442 -1.16 -19.23 18.23
N GLN A 443 -1.59 -20.25 17.50
CA GLN A 443 -2.60 -21.18 18.00
C GLN A 443 -2.04 -22.27 18.89
N GLY A 444 -0.74 -22.29 19.13
CA GLY A 444 -0.16 -23.26 20.03
C GLY A 444 0.70 -24.34 19.41
N ASN A 445 1.03 -24.23 18.14
CA ASN A 445 1.93 -25.21 17.53
C ASN A 445 3.33 -24.83 17.99
N THR A 446 3.77 -25.47 19.07
CA THR A 446 5.09 -25.19 19.63
C THR A 446 6.20 -25.36 18.61
N ASP A 447 6.03 -26.25 17.65
CA ASP A 447 7.14 -26.68 16.81
C ASP A 447 7.48 -25.68 15.72
N LYS A 448 6.69 -24.62 15.58
CA LYS A 448 7.12 -23.47 14.80
C LYS A 448 7.96 -22.48 15.61
N ALA A 449 7.89 -22.54 16.94
CA ALA A 449 8.44 -21.47 17.76
C ALA A 449 9.88 -21.18 17.40
N GLY A 450 10.68 -22.21 17.16
CA GLY A 450 12.07 -21.99 16.80
C GLY A 450 12.23 -21.16 15.53
N THR A 451 11.35 -21.38 14.55
CA THR A 451 11.44 -20.62 13.31
C THR A 451 10.93 -19.20 13.47
N VAL A 452 9.88 -18.99 14.25
CA VAL A 452 9.41 -17.63 14.52
C VAL A 452 10.49 -16.83 15.24
N ALA A 453 11.10 -17.43 16.27
CA ALA A 453 12.11 -16.70 17.02
C ALA A 453 13.26 -16.25 16.13
N ASN A 454 13.67 -17.09 15.18
CA ASN A 454 14.66 -16.65 14.21
C ASN A 454 14.12 -15.55 13.30
N GLY A 455 12.86 -15.67 12.87
CA GLY A 455 12.28 -14.63 12.05
C GLY A 455 12.32 -13.25 12.69
N VAL A 456 12.13 -13.18 14.00
CA VAL A 456 12.24 -11.90 14.70
C VAL A 456 13.60 -11.26 14.49
N THR A 457 14.64 -12.05 14.30
CA THR A 457 15.94 -11.44 14.01
C THR A 457 15.89 -10.67 12.70
N GLY A 458 14.91 -10.96 11.86
CA GLY A 458 14.86 -10.46 10.50
C GLY A 458 15.55 -11.33 9.49
N LYS A 459 16.49 -12.17 9.91
CA LYS A 459 17.21 -13.03 8.98
C LYS A 459 16.51 -14.38 8.80
N GLY A 460 15.21 -14.35 8.56
CA GLY A 460 14.52 -15.57 8.22
C GLY A 460 15.06 -16.19 6.96
N PHE A 461 15.63 -15.37 6.08
CA PHE A 461 16.57 -15.80 5.06
C PHE A 461 17.72 -14.82 5.02
N SER A 462 18.82 -15.22 4.37
CA SER A 462 20.00 -14.38 4.34
C SER A 462 19.68 -13.02 3.74
N ALA A 463 19.83 -11.98 4.56
CA ALA A 463 19.43 -10.63 4.20
C ALA A 463 20.44 -9.65 4.77
N GLN A 464 20.54 -8.50 4.11
CA GLN A 464 21.64 -7.58 4.34
C GLN A 464 21.27 -6.39 5.20
N ALA A 465 20.00 -5.98 5.22
CA ALA A 465 19.56 -4.86 6.03
C ALA A 465 18.11 -5.08 6.39
N PRO A 466 17.64 -4.50 7.51
CA PRO A 466 16.22 -4.65 7.85
C PRO A 466 15.31 -4.10 6.79
N SER A 467 15.77 -3.13 6.01
CA SER A 467 15.01 -2.73 4.84
C SER A 467 14.55 -3.91 3.99
N GLN A 468 15.23 -5.05 4.09
CA GLN A 468 14.84 -6.21 3.28
C GLN A 468 13.63 -6.95 3.82
N THR A 469 13.75 -7.54 5.01
CA THR A 469 12.77 -8.50 5.49
C THR A 469 11.45 -7.83 5.80
N ILE A 470 10.42 -8.14 5.02
CA ILE A 470 9.05 -7.68 5.31
C ILE A 470 8.43 -8.68 6.28
N ALA A 471 8.85 -8.58 7.54
CA ALA A 471 8.25 -9.41 8.58
C ALA A 471 6.75 -9.23 8.57
N TYR A 472 6.02 -10.29 8.22
CA TYR A 472 4.59 -10.21 8.00
C TYR A 472 3.95 -11.52 8.43
N ALA A 473 2.69 -11.43 8.83
CA ALA A 473 1.91 -12.61 9.20
C ALA A 473 0.76 -12.93 8.26
N ASP A 474 0.36 -12.01 7.41
CA ASP A 474 -0.98 -12.03 6.86
C ASP A 474 -1.01 -11.14 5.63
N ALA A 475 -1.95 -11.41 4.74
CA ALA A 475 -2.15 -10.57 3.58
C ALA A 475 -3.58 -10.74 3.11
N HIS A 476 -3.92 -10.00 2.07
CA HIS A 476 -5.13 -10.28 1.31
C HIS A 476 -5.23 -11.75 0.91
N ASP A 477 -4.12 -12.36 0.52
CA ASP A 477 -4.17 -13.72 0.02
C ASP A 477 -4.32 -14.75 1.13
N ASN A 478 -5.10 -15.78 0.83
CA ASN A 478 -5.57 -16.81 1.76
C ASN A 478 -6.26 -16.18 2.97
N LEU A 479 -6.21 -16.89 4.10
CA LEU A 479 -6.94 -16.55 5.31
C LEU A 479 -6.42 -15.26 5.91
N ILE A 480 -7.23 -14.21 5.85
CA ILE A 480 -7.06 -13.09 6.77
C ILE A 480 -6.86 -13.61 8.18
N LEU A 481 -5.95 -12.96 8.89
CA LEU A 481 -5.46 -13.46 10.17
C LEU A 481 -6.57 -13.96 11.10
N TRP A 482 -7.63 -13.20 11.25
CA TRP A 482 -8.72 -13.66 12.11
C TRP A 482 -9.34 -14.95 11.60
N ASP A 483 -9.65 -15.01 10.31
CA ASP A 483 -10.33 -16.19 9.80
C ASP A 483 -9.53 -17.47 10.04
N LYS A 484 -8.23 -17.47 9.75
CA LYS A 484 -7.40 -18.59 10.19
C LYS A 484 -7.41 -18.81 11.69
N ILE A 485 -7.21 -17.75 12.48
CA ILE A 485 -7.26 -17.92 13.93
C ILE A 485 -8.52 -18.66 14.37
N VAL A 486 -9.69 -18.22 13.91
CA VAL A 486 -10.90 -18.96 14.26
C VAL A 486 -10.96 -20.30 13.54
N LYS A 487 -10.70 -20.30 12.23
CA LYS A 487 -10.70 -21.58 11.50
C LYS A 487 -9.69 -22.56 12.07
N SER A 488 -8.49 -22.10 12.37
CA SER A 488 -7.49 -22.99 12.94
C SER A 488 -7.86 -23.41 14.35
N ASN A 489 -8.38 -22.49 15.15
CA ASN A 489 -8.87 -22.90 16.45
C ASN A 489 -10.07 -23.82 16.36
N GLY A 490 -10.74 -23.89 15.21
CA GLY A 490 -11.52 -25.07 14.91
C GLY A 490 -12.96 -24.83 14.48
N SER A 491 -13.33 -23.59 14.18
CA SER A 491 -14.72 -23.29 13.83
C SER A 491 -14.75 -22.18 12.79
N SER A 492 -15.89 -22.08 12.11
CA SER A 492 -16.01 -21.26 10.90
C SER A 492 -16.68 -19.92 11.15
N SER A 493 -16.04 -18.86 10.66
CA SER A 493 -16.67 -17.56 10.40
C SER A 493 -17.29 -16.90 11.63
N TRP A 494 -17.01 -17.39 12.83
CA TRP A 494 -17.97 -17.24 13.92
C TRP A 494 -18.29 -15.80 14.26
N ASN A 495 -17.51 -14.82 13.81
CA ASN A 495 -17.66 -13.48 14.34
C ASN A 495 -17.58 -13.50 15.86
N SER A 496 -16.82 -14.47 16.38
CA SER A 496 -16.84 -14.74 17.80
C SER A 496 -16.26 -13.57 18.57
N THR A 497 -16.85 -13.28 19.71
CA THR A 497 -16.29 -12.33 20.66
C THR A 497 -15.30 -12.98 21.61
N SER A 498 -15.01 -14.26 21.44
CA SER A 498 -14.25 -15.01 22.43
C SER A 498 -12.99 -14.27 22.84
N SER A 499 -12.89 -14.03 24.15
CA SER A 499 -11.69 -13.39 24.69
C SER A 499 -10.46 -14.23 24.46
N SER A 500 -10.63 -15.52 24.15
CA SER A 500 -9.50 -16.32 23.69
C SER A 500 -9.11 -15.96 22.27
N LEU A 501 -10.02 -16.14 21.31
CA LEU A 501 -9.66 -15.88 19.93
C LEU A 501 -9.38 -14.40 19.69
N ARG A 502 -10.20 -13.54 20.29
CA ARG A 502 -9.95 -12.10 20.19
C ARG A 502 -8.66 -11.72 20.89
N GLY A 503 -8.30 -12.43 21.96
CA GLY A 503 -6.98 -12.29 22.55
C GLY A 503 -5.88 -12.85 21.68
N GLN A 504 -6.23 -13.71 20.73
CA GLN A 504 -5.27 -14.47 19.95
C GLN A 504 -4.71 -13.65 18.78
N VAL A 505 -5.53 -12.80 18.15
CA VAL A 505 -5.01 -11.89 17.14
C VAL A 505 -3.96 -10.96 17.73
N LYS A 506 -4.15 -10.50 18.95
CA LYS A 506 -3.17 -9.61 19.55
C LYS A 506 -1.78 -10.24 19.66
N LYS A 507 -1.67 -11.57 19.65
CA LYS A 507 -0.36 -12.19 19.49
C LYS A 507 0.38 -11.67 18.26
N VAL A 508 -0.25 -11.77 17.10
CA VAL A 508 0.43 -11.39 15.86
C VAL A 508 0.95 -9.97 15.92
N MET A 509 0.09 -9.03 16.28
CA MET A 509 0.54 -7.65 16.37
C MET A 509 1.67 -7.51 17.37
N GLY A 510 1.62 -8.24 18.48
CA GLY A 510 2.75 -8.27 19.39
C GLY A 510 4.05 -8.68 18.71
N LEU A 511 4.01 -9.73 17.91
CA LEU A 511 5.16 -10.07 17.07
C LEU A 511 5.51 -9.02 16.02
N LEU A 512 4.70 -8.92 14.97
CA LEU A 512 5.06 -8.12 13.80
C LEU A 512 5.56 -6.72 14.17
N LEU A 513 4.74 -5.94 14.87
CA LEU A 513 5.12 -4.56 15.15
C LEU A 513 6.37 -4.47 16.01
N THR A 514 6.81 -5.55 16.62
CA THR A 514 8.03 -5.55 17.39
C THR A 514 9.17 -6.31 16.72
N SER A 515 8.93 -6.98 15.60
CA SER A 515 10.03 -7.51 14.81
C SER A 515 10.90 -6.37 14.28
N GLN A 516 12.10 -6.72 13.83
CA GLN A 516 12.88 -5.88 12.93
C GLN A 516 12.43 -6.04 11.48
N GLY A 517 12.70 -5.00 10.71
CA GLY A 517 12.21 -4.92 9.36
C GLY A 517 10.72 -4.68 9.27
N ILE A 518 10.31 -4.17 8.12
CA ILE A 518 9.04 -3.47 7.94
C ILE A 518 7.87 -4.28 8.45
N PRO A 519 7.27 -3.94 9.59
CA PRO A 519 6.04 -4.63 9.98
C PRO A 519 4.96 -4.48 8.93
N PHE A 520 4.04 -5.43 8.90
CA PHE A 520 3.01 -5.44 7.89
C PHE A 520 1.73 -6.02 8.47
N MET A 521 0.60 -5.64 7.89
CA MET A 521 -0.70 -5.85 8.51
C MET A 521 -1.82 -5.65 7.51
N THR A 522 -2.62 -6.68 7.27
CA THR A 522 -3.83 -6.49 6.49
C THR A 522 -4.78 -5.55 7.21
N ALA A 523 -5.36 -4.63 6.46
CA ALA A 523 -6.18 -3.58 7.03
C ALA A 523 -7.32 -4.13 7.87
N GLY A 524 -7.42 -3.62 9.09
CA GLY A 524 -8.36 -4.07 10.08
C GLY A 524 -8.07 -5.38 10.74
N SER A 525 -6.91 -5.98 10.51
CA SER A 525 -6.49 -7.06 11.40
C SER A 525 -6.64 -6.65 12.85
N GLU A 526 -6.34 -5.39 13.15
CA GLU A 526 -6.40 -4.80 14.48
C GLU A 526 -7.80 -4.68 15.06
N PHE A 527 -8.83 -4.96 14.30
CA PHE A 527 -10.15 -5.14 14.89
C PHE A 527 -10.78 -6.44 14.42
N CYS A 528 -9.93 -7.41 14.11
CA CYS A 528 -10.38 -8.75 13.72
C CYS A 528 -11.32 -8.69 12.51
N ARG A 529 -10.90 -7.95 11.50
CA ARG A 529 -11.59 -8.03 10.21
C ARG A 529 -11.72 -9.48 9.82
N THR A 530 -12.93 -9.88 9.44
CA THR A 530 -13.20 -11.25 9.04
C THR A 530 -13.69 -11.31 7.61
N LYS A 531 -13.32 -12.40 6.93
CA LYS A 531 -13.90 -12.77 5.65
C LYS A 531 -14.55 -14.14 5.74
N GLN A 532 -15.01 -14.48 6.94
CA GLN A 532 -15.89 -15.62 7.17
C GLN A 532 -15.26 -16.94 6.72
N GLY A 533 -13.95 -17.04 6.73
CA GLY A 533 -13.27 -18.26 6.32
C GLY A 533 -12.87 -18.32 4.86
N ASP A 534 -13.14 -17.28 4.09
CA ASP A 534 -12.82 -17.28 2.67
C ASP A 534 -11.31 -17.19 2.44
N THR A 535 -10.78 -18.09 1.61
CA THR A 535 -9.35 -18.18 1.36
C THR A 535 -8.96 -17.29 0.20
N ASN A 536 -9.09 -17.79 -1.03
CA ASN A 536 -8.84 -16.97 -2.20
C ASN A 536 -9.99 -16.00 -2.44
N SER A 537 -10.10 -15.01 -1.57
CA SER A 537 -11.25 -14.11 -1.57
C SER A 537 -11.21 -13.11 -2.71
N TYR A 538 -10.34 -13.33 -3.68
CA TYR A 538 -9.92 -12.26 -4.57
C TYR A 538 -11.08 -11.58 -5.26
N LYS A 539 -12.22 -12.24 -5.41
CA LYS A 539 -13.41 -11.59 -5.96
C LYS A 539 -14.66 -11.84 -5.12
N SER A 540 -14.49 -12.18 -3.85
CA SER A 540 -15.63 -12.54 -3.01
C SER A 540 -16.46 -11.33 -2.63
N SER A 541 -17.75 -11.58 -2.39
CA SER A 541 -18.74 -10.54 -2.16
C SER A 541 -18.27 -9.50 -1.15
N ASP A 542 -18.81 -8.29 -1.32
CA ASP A 542 -18.60 -7.20 -0.39
C ASP A 542 -18.87 -7.63 1.05
N ALA A 543 -19.89 -8.47 1.25
CA ALA A 543 -20.18 -8.96 2.58
C ALA A 543 -19.03 -9.79 3.13
N ILE A 544 -18.24 -10.37 2.23
CA ILE A 544 -16.99 -11.01 2.62
C ILE A 544 -15.86 -10.00 2.65
N ASN A 545 -15.83 -9.08 1.70
CA ASN A 545 -14.74 -8.11 1.57
C ASN A 545 -15.31 -6.73 1.85
N GLU A 546 -15.56 -6.46 3.13
CA GLU A 546 -15.78 -5.10 3.61
C GLU A 546 -15.29 -5.07 5.04
N ILE A 547 -14.85 -3.91 5.50
CA ILE A 547 -14.71 -3.66 6.93
C ILE A 547 -16.08 -3.28 7.48
N ASP A 548 -16.73 -4.21 8.16
CA ASP A 548 -17.86 -3.83 9.01
C ASP A 548 -17.27 -3.07 10.20
N TRP A 549 -17.41 -1.76 10.19
CA TRP A 549 -16.79 -0.93 11.21
C TRP A 549 -17.39 -1.11 12.59
N SER A 550 -18.56 -1.73 12.72
CA SER A 550 -19.05 -2.07 14.04
C SER A 550 -18.14 -3.05 14.74
N ARG A 551 -17.29 -3.73 13.98
CA ARG A 551 -16.24 -4.54 14.59
C ARG A 551 -15.25 -3.67 15.35
N VAL A 552 -15.08 -2.41 14.92
CA VAL A 552 -14.20 -1.52 15.67
C VAL A 552 -14.72 -1.23 17.06
N LYS A 553 -16.04 -1.15 17.24
CA LYS A 553 -16.53 -1.08 18.61
C LYS A 553 -16.46 -2.45 19.26
N THR A 554 -16.96 -3.47 18.57
CA THR A 554 -17.01 -4.80 19.17
C THR A 554 -15.61 -5.29 19.47
N TYR A 555 -14.71 -5.12 18.50
CA TYR A 555 -13.30 -5.41 18.68
C TYR A 555 -12.51 -4.13 18.92
N SER A 556 -13.11 -3.21 19.68
CA SER A 556 -12.32 -2.28 20.45
C SER A 556 -11.49 -3.04 21.47
N ASP A 557 -10.62 -2.30 22.16
CA ASP A 557 -9.54 -2.88 22.92
C ASP A 557 -8.49 -3.49 22.02
N VAL A 558 -8.91 -4.31 21.06
CA VAL A 558 -7.95 -4.85 20.10
C VAL A 558 -7.29 -3.72 19.33
N ALA A 559 -8.09 -2.82 18.76
CA ALA A 559 -7.51 -1.70 18.05
C ALA A 559 -6.81 -0.75 19.01
N ALA A 560 -7.40 -0.52 20.19
CA ALA A 560 -6.74 0.30 21.19
C ALA A 560 -5.41 -0.30 21.60
N TYR A 561 -5.37 -1.63 21.72
CA TYR A 561 -4.13 -2.33 21.93
C TYR A 561 -3.19 -2.14 20.75
N TYR A 562 -3.72 -2.26 19.54
CA TYR A 562 -2.91 -2.06 18.34
C TYR A 562 -2.32 -0.67 18.23
N LYS A 563 -3.15 0.37 18.34
CA LYS A 563 -2.63 1.74 18.40
C LYS A 563 -1.49 1.86 19.39
N GLY A 564 -1.70 1.33 20.59
CA GLY A 564 -0.69 1.42 21.63
C GLY A 564 0.66 0.86 21.25
N LEU A 565 0.70 -0.19 20.43
CA LEU A 565 1.99 -0.67 19.92
C LEU A 565 2.66 0.30 18.96
N LEU A 566 1.91 0.96 18.07
CA LEU A 566 2.56 1.96 17.22
C LEU A 566 3.14 3.10 18.04
N GLU A 567 2.49 3.49 19.12
CA GLU A 567 3.14 4.42 20.04
C GLU A 567 4.49 3.87 20.51
N ILE A 568 4.50 2.59 20.89
CA ILE A 568 5.75 1.94 21.28
C ILE A 568 6.76 1.98 20.15
N ARG A 569 6.37 1.53 18.95
CA ARG A 569 7.33 1.39 17.87
C ARG A 569 7.87 2.74 17.41
N GLU A 570 7.00 3.65 17.02
CA GLU A 570 7.46 4.87 16.37
C GLU A 570 8.39 5.67 17.29
N ASN A 571 8.23 5.55 18.60
CA ASN A 571 9.07 6.22 19.57
C ASN A 571 10.32 5.43 19.95
N TYR A 572 10.64 4.37 19.22
CA TYR A 572 11.66 3.42 19.66
C TYR A 572 12.55 3.00 18.49
N SER A 573 13.62 3.77 18.28
CA SER A 573 14.48 3.59 17.12
C SER A 573 14.92 2.14 16.87
N PRO A 574 15.33 1.36 17.87
CA PRO A 574 15.79 -0.01 17.55
C PRO A 574 14.79 -0.83 16.77
N MET A 575 13.51 -0.76 17.11
CA MET A 575 12.49 -1.43 16.32
C MET A 575 12.42 -0.88 14.92
N LYS A 576 13.08 0.24 14.65
CA LYS A 576 12.88 0.96 13.41
C LYS A 576 14.18 1.47 12.82
N SER A 577 15.34 1.04 13.32
CA SER A 577 16.62 1.47 12.79
C SER A 577 16.75 1.07 11.33
N SER A 578 17.57 1.81 10.60
CA SER A 578 17.79 1.58 9.18
C SER A 578 18.69 0.38 8.92
N THR A 579 19.79 0.26 9.65
CA THR A 579 20.57 -0.96 9.68
C THR A 579 20.04 -1.91 10.74
N PHE A 580 20.51 -3.16 10.67
CA PHE A 580 20.05 -4.17 11.60
C PHE A 580 20.46 -3.84 13.03
N ASN A 581 19.49 -3.85 13.92
CA ASN A 581 19.78 -4.17 15.30
C ASN A 581 19.66 -5.68 15.43
N THR A 582 19.60 -6.21 16.63
CA THR A 582 19.31 -7.63 16.75
C THR A 582 18.80 -7.96 18.15
N PRO A 583 17.59 -8.47 18.28
CA PRO A 583 17.10 -8.88 19.60
C PRO A 583 17.95 -9.99 20.18
N SER A 584 18.16 -9.92 21.49
CA SER A 584 18.46 -11.12 22.24
C SER A 584 17.18 -11.95 22.35
N PHE A 585 17.34 -13.22 22.70
CA PHE A 585 16.18 -14.07 22.95
C PHE A 585 16.32 -14.77 24.27
N GLN A 586 15.18 -14.95 24.92
CA GLN A 586 15.11 -15.62 26.21
C GLN A 586 14.22 -16.86 26.17
N SER A 587 13.43 -17.02 25.13
CA SER A 587 12.84 -18.31 24.80
C SER A 587 12.49 -18.28 23.32
N THR A 588 12.69 -19.42 22.66
CA THR A 588 12.49 -19.54 21.23
C THR A 588 11.71 -20.78 20.85
N HIS A 589 11.37 -21.61 21.81
CA HIS A 589 10.86 -22.95 21.57
C HIS A 589 9.77 -23.23 22.59
N GLY A 590 8.97 -24.25 22.29
CA GLY A 590 7.73 -24.42 23.02
C GLY A 590 6.73 -23.34 22.65
N ASP A 591 6.07 -22.80 23.67
CA ASP A 591 4.92 -21.92 23.46
C ASP A 591 5.16 -20.47 23.89
N VAL A 592 6.38 -20.08 24.23
CA VAL A 592 6.69 -18.68 24.49
C VAL A 592 7.94 -18.28 23.73
N VAL A 593 7.82 -17.25 22.91
CA VAL A 593 8.97 -16.58 22.30
C VAL A 593 9.20 -15.30 23.06
N ALA A 594 10.45 -15.04 23.46
CA ALA A 594 10.71 -13.79 24.16
C ALA A 594 12.09 -13.27 23.81
N TYR A 595 12.14 -11.97 23.53
CA TYR A 595 13.31 -11.32 22.98
C TYR A 595 13.34 -9.87 23.46
N THR A 596 14.52 -9.27 23.47
CA THR A 596 14.67 -7.89 23.90
C THR A 596 15.53 -7.10 22.93
N TYR A 597 15.06 -5.90 22.58
CA TYR A 597 15.82 -4.89 21.88
C TYR A 597 16.69 -4.07 22.83
N SER A 598 17.81 -3.58 22.30
CA SER A 598 18.68 -2.70 23.06
C SER A 598 18.84 -1.38 22.32
N ASN A 599 19.10 -0.33 23.09
CA ASN A 599 19.21 1.03 22.58
C ASN A 599 20.21 1.81 23.43
N ASN A 600 20.71 2.90 22.86
CA ASN A 600 21.65 3.77 23.52
C ASN A 600 21.18 5.22 23.61
N LYS A 601 20.12 5.58 22.90
CA LYS A 601 19.60 6.94 22.94
C LYS A 601 19.14 7.28 24.36
N SER A 602 19.24 8.56 24.70
CA SER A 602 18.81 9.04 26.01
C SER A 602 17.36 9.48 26.05
N ASN A 603 16.76 9.82 24.90
CA ASN A 603 15.37 10.26 24.87
C ASN A 603 14.41 9.14 24.47
N GLU A 604 14.74 7.90 24.82
CA GLU A 604 13.88 6.75 24.54
C GLU A 604 14.03 5.74 25.67
N TRP A 605 13.08 4.79 25.71
CA TRP A 605 12.91 3.97 26.90
C TRP A 605 14.12 3.15 27.28
N GLY A 606 15.10 2.99 26.40
CA GLY A 606 16.10 1.96 26.63
C GLY A 606 15.60 0.58 26.28
N LYS A 607 16.00 -0.45 27.02
CA LYS A 607 15.65 -1.80 26.60
C LYS A 607 14.16 -2.03 26.60
N VAL A 608 13.72 -2.81 25.61
CA VAL A 608 12.34 -3.28 25.45
C VAL A 608 12.33 -4.81 25.43
N CYS A 609 11.34 -5.41 26.08
CA CYS A 609 11.16 -6.85 26.02
C CYS A 609 9.74 -7.15 25.55
N VAL A 610 9.62 -8.13 24.68
CA VAL A 610 8.35 -8.54 24.07
C VAL A 610 8.16 -10.02 24.30
N LEU A 611 6.99 -10.42 24.79
CA LEU A 611 6.69 -11.82 25.03
C LEU A 611 5.33 -12.16 24.44
N VAL A 612 5.29 -13.23 23.65
CA VAL A 612 4.08 -13.70 22.99
C VAL A 612 3.90 -15.16 23.38
N ASN A 613 2.76 -15.44 24.01
CA ASN A 613 2.44 -16.78 24.52
C ASN A 613 1.56 -17.49 23.50
N ALA A 614 2.07 -18.61 22.98
CA ALA A 614 1.33 -19.37 21.99
C ALA A 614 0.14 -20.09 22.58
N SER A 615 0.21 -20.44 23.86
CA SER A 615 -0.92 -21.11 24.50
C SER A 615 -2.18 -20.27 24.32
N SER A 616 -3.31 -20.96 24.25
CA SER A 616 -4.60 -20.32 24.43
C SER A 616 -5.03 -20.30 25.88
N THR A 617 -4.33 -21.01 26.74
CA THR A 617 -4.80 -21.34 28.07
C THR A 617 -3.78 -21.05 29.15
N ASN A 618 -2.52 -21.41 28.93
CA ASN A 618 -1.55 -21.44 30.01
C ASN A 618 -0.82 -20.11 30.14
N ASP A 619 -0.22 -19.92 31.32
CA ASP A 619 0.31 -18.64 31.77
C ASP A 619 1.75 -18.82 32.25
N TRP A 620 2.63 -19.16 31.32
CA TRP A 620 3.99 -19.53 31.67
C TRP A 620 4.73 -18.33 32.28
N PRO A 621 5.42 -18.51 33.39
CA PRO A 621 6.35 -17.48 33.87
C PRO A 621 7.64 -17.50 33.06
N ILE A 622 8.02 -16.35 32.52
CA ILE A 622 9.16 -16.21 31.64
C ILE A 622 10.25 -15.43 32.36
N THR A 623 11.51 -15.84 32.13
CA THR A 623 12.64 -15.02 32.53
C THR A 623 12.81 -13.92 31.50
N LEU A 624 13.30 -12.76 31.95
CA LEU A 624 13.35 -11.60 31.08
C LEU A 624 14.69 -10.88 31.18
N ASP A 625 14.89 -9.98 30.21
CA ASP A 625 16.24 -9.50 29.86
C ASP A 625 16.90 -8.70 30.97
N GLY A 626 16.14 -8.07 31.86
CA GLY A 626 16.74 -7.23 32.88
C GLY A 626 15.91 -7.13 34.13
N SER A 627 16.46 -6.44 35.12
CA SER A 627 16.01 -6.56 36.50
C SER A 627 14.91 -5.57 36.87
N GLY A 628 14.37 -4.82 35.91
CA GLY A 628 13.28 -3.93 36.22
C GLY A 628 12.56 -3.41 34.99
N TRP A 629 11.24 -3.49 34.99
CA TRP A 629 10.44 -3.29 33.79
C TRP A 629 9.16 -2.55 34.12
N THR A 630 8.66 -1.80 33.14
CA THR A 630 7.33 -1.23 33.19
C THR A 630 6.48 -1.87 32.10
N VAL A 631 5.33 -2.43 32.51
CA VAL A 631 4.40 -3.00 31.57
C VAL A 631 3.70 -1.91 30.78
N VAL A 632 3.74 -2.02 29.46
CA VAL A 632 3.15 -1.05 28.55
C VAL A 632 2.15 -1.71 27.61
N ALA A 633 2.00 -3.02 27.69
CA ALA A 633 0.90 -3.72 27.06
C ALA A 633 0.63 -4.98 27.86
N ASP A 634 -0.65 -5.37 27.90
CA ASP A 634 -1.13 -6.44 28.75
C ASP A 634 -2.01 -7.43 28.00
N GLY A 635 -2.10 -7.32 26.67
CA GLY A 635 -3.06 -8.01 25.86
C GLY A 635 -4.47 -7.46 25.87
N THR A 636 -4.72 -6.39 26.62
CA THR A 636 -5.99 -5.67 26.55
C THR A 636 -5.77 -4.28 25.98
N THR A 637 -4.68 -3.64 26.37
CA THR A 637 -4.44 -2.23 26.11
C THR A 637 -2.94 -2.04 25.99
N ALA A 638 -2.54 -0.95 25.35
CA ALA A 638 -1.14 -0.72 25.06
C ALA A 638 -0.94 0.76 24.78
N GLY A 639 0.32 1.15 24.69
CA GLY A 639 0.70 2.51 24.40
C GLY A 639 1.23 3.25 25.61
N LEU A 640 1.81 4.40 25.32
CA LEU A 640 2.86 4.98 26.16
C LEU A 640 2.51 5.00 27.63
N LYS A 641 1.23 5.18 27.97
CA LYS A 641 0.85 5.29 29.37
C LYS A 641 1.08 3.98 30.10
N SER A 642 1.78 4.07 31.22
CA SER A 642 2.06 2.91 32.04
C SER A 642 0.79 2.17 32.42
N LEU A 643 0.72 0.91 32.02
CA LEU A 643 -0.33 0.00 32.46
C LEU A 643 0.09 -0.80 33.68
N GLY A 644 1.36 -0.77 34.04
CA GLY A 644 1.83 -1.41 35.25
C GLY A 644 3.32 -1.63 35.27
N THR A 645 3.92 -1.42 36.44
CA THR A 645 5.30 -1.79 36.67
C THR A 645 5.39 -3.27 37.02
N VAL A 646 6.58 -3.83 36.80
CA VAL A 646 6.89 -5.17 37.26
C VAL A 646 8.38 -5.25 37.54
N SER A 647 8.74 -6.09 38.51
CA SER A 647 10.07 -6.07 39.10
C SER A 647 10.54 -7.49 39.32
N GLY A 648 11.86 -7.65 39.37
CA GLY A 648 12.48 -8.96 39.36
C GLY A 648 12.54 -9.57 37.97
N ASN A 649 13.36 -10.62 37.87
CA ASN A 649 13.82 -11.14 36.59
C ASN A 649 12.77 -11.97 35.86
N THR A 650 11.48 -11.82 36.13
CA THR A 650 10.50 -12.71 35.51
C THR A 650 9.19 -11.98 35.26
N TYR A 651 8.46 -12.46 34.27
CA TYR A 651 7.17 -11.91 33.87
C TYR A 651 6.28 -13.03 33.41
N THR A 652 4.98 -12.87 33.59
CA THR A 652 4.00 -13.88 33.22
C THR A 652 3.21 -13.41 32.01
N VAL A 653 3.09 -14.28 31.02
CA VAL A 653 2.41 -13.97 29.77
C VAL A 653 1.06 -14.69 29.77
N PRO A 654 0.01 -14.10 30.33
CA PRO A 654 -1.24 -14.84 30.53
C PRO A 654 -1.91 -15.21 29.21
N ALA A 655 -2.04 -16.50 28.98
CA ALA A 655 -2.83 -17.08 27.90
C ALA A 655 -2.46 -16.40 26.58
N ASN A 656 -3.41 -15.86 25.83
CA ASN A 656 -3.11 -15.25 24.54
C ASN A 656 -2.28 -14.00 24.64
N SER A 657 -2.08 -13.44 25.83
CA SER A 657 -1.55 -12.09 25.93
C SER A 657 -0.21 -11.96 25.21
N ALA A 658 -0.12 -10.98 24.33
CA ALA A 658 1.15 -10.39 23.89
C ALA A 658 1.46 -9.16 24.72
N CYS A 659 2.54 -9.21 25.48
CA CYS A 659 2.86 -8.17 26.46
C CYS A 659 4.18 -7.52 26.08
N VAL A 660 4.27 -6.21 26.34
CA VAL A 660 5.47 -5.41 26.10
C VAL A 660 5.96 -4.85 27.42
N LEU A 661 7.25 -4.98 27.68
CA LEU A 661 7.89 -4.40 28.83
C LEU A 661 9.01 -3.48 28.36
N VAL A 662 9.19 -2.34 29.04
CA VAL A 662 10.32 -1.48 28.79
C VAL A 662 11.06 -1.23 30.10
N GLN A 663 12.37 -1.06 30.00
CA GLN A 663 13.22 -0.96 31.18
C GLN A 663 12.77 0.20 32.05
N SER A 664 12.33 -0.12 33.26
CA SER A 664 11.52 0.83 34.02
C SER A 664 12.30 2.07 34.40
N SER A 665 13.61 1.94 34.66
CA SER A 665 14.41 3.08 35.06
C SER A 665 14.46 4.18 34.01
N THR A 666 14.08 3.90 32.78
CA THR A 666 14.16 4.90 31.71
C THR A 666 12.85 5.00 30.95
N PHE A 667 11.75 4.58 31.55
CA PHE A 667 10.45 4.74 30.91
C PHE A 667 10.12 6.20 30.62
N ASN A 668 10.57 7.14 31.46
CA ASN A 668 10.18 8.53 31.30
C ASN A 668 10.84 9.23 30.13
N ASN A 669 11.90 8.67 29.55
CA ASN A 669 12.63 9.41 28.53
C ASN A 669 11.76 9.76 27.34
N LEU A 670 10.72 8.99 27.09
CA LEU A 670 9.80 9.29 26.00
C LEU A 670 8.89 10.47 26.32
N LYS A 671 9.45 11.66 26.38
CA LYS A 671 8.68 12.86 26.73
C LYS A 671 7.93 13.46 25.55
N VAL A 672 7.31 12.62 24.72
CA VAL A 672 6.36 13.13 23.74
C VAL A 672 5.18 13.78 24.44
N SER A 673 4.72 14.88 23.88
CA SER A 673 3.39 15.38 24.20
C SER A 673 2.34 14.36 23.82
N GLU A 674 1.19 14.47 24.47
CA GLU A 674 -0.04 13.90 23.94
C GLU A 674 -0.29 14.35 22.51
N LYS A 675 -0.85 13.44 21.72
CA LYS A 675 -1.29 13.75 20.37
C LYS A 675 -2.50 14.67 20.44
N THR A 676 -2.30 15.88 20.97
CA THR A 676 -3.42 16.79 21.19
C THR A 676 -4.11 17.10 19.87
N PHE A 677 -5.08 16.27 19.52
CA PHE A 677 -5.83 16.47 18.30
C PHE A 677 -6.53 17.83 18.32
N GLY A 678 -6.52 18.50 17.17
CA GLY A 678 -7.43 19.57 16.91
C GLY A 678 -8.66 19.10 16.15
N THR A 679 -9.53 20.06 15.86
CA THR A 679 -10.78 19.75 15.20
C THR A 679 -11.13 20.79 14.15
N VAL A 680 -11.73 20.31 13.08
CA VAL A 680 -12.62 21.10 12.25
C VAL A 680 -14.05 20.92 12.73
N THR A 681 -14.87 21.93 12.51
CA THR A 681 -16.30 21.85 12.80
C THR A 681 -17.10 22.32 11.57
N ILE A 682 -16.99 21.56 10.49
CA ILE A 682 -17.80 21.86 9.33
C ILE A 682 -19.25 22.00 9.78
N LYS A 683 -19.89 23.07 9.34
CA LYS A 683 -21.29 23.35 9.64
C LYS A 683 -22.00 23.78 8.36
N HIS A 684 -22.06 22.87 7.39
CA HIS A 684 -22.63 23.22 6.10
C HIS A 684 -23.97 23.93 6.24
N ILE A 685 -24.09 25.05 5.54
CA ILE A 685 -25.31 25.84 5.45
C ILE A 685 -25.50 26.26 4.00
N ASP A 686 -26.64 25.90 3.42
CA ASP A 686 -27.05 26.46 2.14
C ASP A 686 -27.59 27.87 2.31
N ASP A 687 -28.72 28.00 2.99
CA ASP A 687 -29.30 29.30 3.28
C ASP A 687 -30.12 29.22 4.55
N SER A 688 -30.34 30.39 5.14
CA SER A 688 -31.15 30.55 6.35
C SER A 688 -30.54 29.81 7.54
N GLY A 689 -29.22 29.76 7.59
CA GLY A 689 -28.54 29.16 8.73
C GLY A 689 -28.80 27.67 8.89
N ASN A 690 -29.23 27.32 10.09
CA ASN A 690 -29.59 25.94 10.46
C ASN A 690 -28.34 25.07 10.32
N VAL A 691 -28.52 23.78 10.10
CA VAL A 691 -27.43 22.84 9.88
C VAL A 691 -27.84 21.86 8.80
N LEU A 692 -26.97 21.66 7.81
CA LEU A 692 -27.13 20.58 6.84
C LEU A 692 -26.28 19.35 7.19
N LYS A 693 -25.12 19.56 7.79
CA LYS A 693 -24.29 18.47 8.31
C LYS A 693 -23.37 19.05 9.36
N THR A 694 -22.90 18.20 10.26
CA THR A 694 -21.87 18.60 11.23
C THR A 694 -20.91 17.45 11.46
N SER A 695 -19.88 17.34 10.63
CA SER A 695 -18.74 16.50 10.97
C SER A 695 -17.87 17.22 11.98
N THR A 696 -16.86 16.51 12.50
CA THR A 696 -15.86 17.16 13.34
C THR A 696 -14.54 16.41 13.22
N ALA A 697 -13.82 16.68 12.13
CA ALA A 697 -12.53 16.03 11.89
C ALA A 697 -11.62 16.20 13.10
N LYS A 698 -10.83 15.17 13.39
CA LYS A 698 -10.06 15.08 14.62
C LYS A 698 -8.56 15.19 14.35
N TYR A 699 -8.18 16.06 13.42
CA TYR A 699 -6.80 16.20 12.98
C TYR A 699 -5.83 16.26 14.14
N ALA A 700 -4.64 15.69 13.93
CA ALA A 700 -3.55 15.82 14.86
C ALA A 700 -3.04 17.26 14.89
N ASP A 701 -2.24 17.55 15.92
CA ASP A 701 -1.81 18.91 16.20
C ASP A 701 -1.12 19.57 15.01
N GLY A 702 -0.35 18.82 14.23
CA GLY A 702 0.18 19.38 13.00
C GLY A 702 -0.74 19.32 11.80
N THR A 703 -0.28 18.77 10.69
CA THR A 703 -1.15 18.50 9.55
C THR A 703 -1.77 19.79 9.06
N THR A 704 -2.86 19.71 8.29
CA THR A 704 -3.64 20.90 7.96
C THR A 704 -5.13 20.60 7.94
N TYR A 705 -5.94 21.59 8.33
CA TYR A 705 -7.40 21.44 8.37
C TYR A 705 -8.06 21.63 7.01
N ARG A 706 -7.49 21.08 5.95
CA ARG A 706 -8.10 21.18 4.63
C ARG A 706 -9.46 20.49 4.61
N THR A 707 -10.40 21.05 3.84
CA THR A 707 -11.82 20.73 3.99
C THR A 707 -12.57 21.09 2.71
N TYR A 708 -13.73 20.46 2.53
CA TYR A 708 -14.23 20.21 1.18
C TYR A 708 -15.75 20.26 1.12
N PRO A 709 -16.33 20.49 -0.10
CA PRO A 709 -17.78 20.71 -0.29
C PRO A 709 -18.68 19.49 -0.51
N ASP A 710 -18.24 18.27 -0.19
CA ASP A 710 -18.79 17.06 -0.80
C ASP A 710 -20.17 16.60 -0.34
N THR A 711 -21.07 17.52 0.02
CA THR A 711 -22.42 17.09 0.36
C THR A 711 -23.42 17.19 -0.79
N THR A 712 -23.73 18.39 -1.25
CA THR A 712 -24.88 18.62 -2.13
C THR A 712 -24.48 18.48 -3.60
N ILE A 713 -23.87 17.35 -3.91
CA ILE A 713 -23.01 17.24 -5.07
C ILE A 713 -23.52 16.33 -6.18
N LEU A 714 -24.50 15.45 -5.93
CA LEU A 714 -24.97 14.60 -7.03
C LEU A 714 -25.67 15.44 -8.08
N TYR A 715 -26.82 16.00 -7.74
CA TYR A 715 -27.32 17.20 -8.38
C TYR A 715 -28.09 17.98 -7.32
N ASP A 716 -27.86 19.28 -7.26
CA ASP A 716 -28.40 20.08 -6.17
C ASP A 716 -28.38 21.55 -6.53
N TYR A 717 -29.11 22.31 -5.72
CA TYR A 717 -29.07 23.76 -5.68
C TYR A 717 -28.61 24.28 -4.33
N ALA A 718 -28.71 23.46 -3.28
CA ALA A 718 -28.23 23.81 -1.96
C ALA A 718 -26.72 24.00 -1.96
N LEU A 719 -26.28 25.25 -2.04
CA LEU A 719 -24.88 25.59 -2.23
C LEU A 719 -24.60 26.91 -1.56
N LYS A 720 -23.37 27.09 -1.07
CA LYS A 720 -22.99 28.28 -0.34
C LYS A 720 -21.59 28.74 -0.75
N ASP A 721 -21.30 30.00 -0.42
CA ASP A 721 -20.00 30.60 -0.71
C ASP A 721 -18.82 29.86 -0.09
N THR A 722 -19.04 29.04 0.93
CA THR A 722 -17.92 28.46 1.68
C THR A 722 -17.07 29.55 2.35
N GLN A 723 -17.70 30.56 2.90
CA GLN A 723 -17.04 31.41 3.88
C GLN A 723 -16.41 30.56 4.99
N GLY A 724 -15.25 31.00 5.46
CA GLY A 724 -14.53 30.34 6.52
C GLY A 724 -13.03 30.38 6.31
N VAL A 725 -12.31 29.68 7.19
CA VAL A 725 -10.84 29.68 7.12
C VAL A 725 -10.34 28.66 6.10
N THR A 726 -11.09 27.58 5.89
CA THR A 726 -10.90 26.61 4.81
C THR A 726 -9.59 25.82 4.80
N SER A 727 -8.48 26.36 5.27
CA SER A 727 -7.28 25.54 5.31
C SER A 727 -6.22 26.19 6.15
N GLY A 728 -5.21 25.40 6.51
CA GLY A 728 -4.10 25.88 7.32
C GLY A 728 -3.62 24.80 8.26
N THR A 729 -2.46 25.01 8.86
CA THR A 729 -2.01 24.07 9.88
C THR A 729 -3.02 24.04 11.00
N VAL A 730 -3.40 22.83 11.42
CA VAL A 730 -4.23 22.68 12.60
C VAL A 730 -3.36 23.00 13.80
N THR A 731 -3.96 23.09 14.99
CA THR A 731 -3.34 23.88 16.05
C THR A 731 -3.52 23.29 17.45
N GLY A 732 -3.89 22.03 17.58
CA GLY A 732 -4.37 21.52 18.85
C GLY A 732 -5.85 21.74 19.08
N GLY A 733 -6.25 21.81 20.35
CA GLY A 733 -7.67 21.84 20.67
C GLY A 733 -8.46 23.05 20.23
N LYS A 734 -8.67 23.20 18.92
CA LYS A 734 -9.30 24.40 18.39
C LYS A 734 -10.21 24.02 17.24
N ASN A 735 -11.25 24.81 17.06
CA ASN A 735 -12.35 24.53 16.14
C ASN A 735 -12.24 25.45 14.94
N TYR A 736 -12.01 24.86 13.78
CA TYR A 736 -11.90 25.60 12.55
C TYR A 736 -13.15 25.36 11.72
N ASN A 737 -13.77 26.45 11.31
CA ASN A 737 -15.13 26.46 10.76
C ASN A 737 -15.10 26.77 9.28
N VAL A 738 -15.82 25.97 8.49
CA VAL A 738 -16.12 26.33 7.13
C VAL A 738 -17.58 26.06 6.86
N THR A 739 -18.24 27.06 6.27
CA THR A 739 -19.66 27.05 5.96
C THR A 739 -19.95 26.52 4.57
N TYR A 740 -19.26 25.45 4.19
CA TYR A 740 -19.42 24.88 2.86
C TYR A 740 -20.89 24.62 2.55
N VAL A 741 -21.21 24.45 1.27
CA VAL A 741 -22.49 23.90 0.85
C VAL A 741 -23.63 24.72 1.44
#